data_6BJ3
#
_entry.id   6BJ3
#
_cell.length_a   199.996
_cell.length_b   61.414
_cell.length_c   92.064
_cell.angle_alpha   90.00
_cell.angle_beta   105.63
_cell.angle_gamma   90.00
#
_symmetry.space_group_name_H-M   'C 1 2 1'
#
loop_
_entity.id
_entity.type
_entity.pdbx_description
1 polymer 'HLA class I histocompatibility antigen, B-35 alpha chain'
2 polymer Beta-2-microglobulin
3 polymer 'TCR 55 alpha chain'
4 polymer 'TCR 55 beta chain'
5 polymer 'HIV Pol B35 peptide'
6 non-polymer 1,2-ETHANEDIOL
7 non-polymer 'SULFATE ION'
8 water water
#
loop_
_entity_poly.entity_id
_entity_poly.type
_entity_poly.pdbx_seq_one_letter_code
_entity_poly.pdbx_strand_id
1 'polypeptide(L)'
;GSHSMRYFYTAMSRPGRGEPRFIAVGYVDDTQFVRFDSDAASPRTEPRAPWIEQEGPEYWDRNTQIFKTNTQTYRESLRN
LRGYYNQSEAGSHIIQRMYGCDLGPDGRLLRGHDQSAYDGKDYIALNEDLSSWTAADTAAQITQRKWEAARVAEQLRAYL
EGLCVEWLRRYLENGKETLQRADPPKTHVTHHPVSDHEATLRCWALGFYPAEITLTWQRDGEDQTQDTELVETRPAGDRT
FQKWAAVVVPSGEEQRYTCHVQHEGLPKPLTLRWEP
;
A
2 'polypeptide(L)'
;IQRTPKIQVYSRHPAENGKSNFLNCYVSGFHPSDIEVDLLKNGERIEKVEHSDLSFSKDWSFYLLYYTEFTPTEKDEYAC
RVNHVTLSQPKIVKWDRDM
;
B
3 'polypeptide(L)'
;MQKVTQAQSSVSMPVRKAVTLNCLYETSWWSYYIFWYKQLPSKEMIFLIRQGSDEQNAKSGRYSVNFKKAAKSVALTISA
LQLEDSAKYFCALGEGGAQKLVFGQGTRLTINPNIQNPDPAVYQLRDSKSSDKSVCLFTDFDSQTNVSQSKDSDVYITDK
CVLDMRSMDFKSNSAVAWSNKSDFACANAFNNSIIPEDTFFPSP
;
D
4 'polypeptide(L)'
;GVTQTPKFQVLKTGQSMTLQCAQDMNHNSMYWYRQDPGMGLRLIYYSASEGTTDKGEVPNGYNVSRLNKREFSLRLESAA
PSQTSVYFCASRTRGGTLIEQYFGPGTRLTVTEDLKNVFPPEVAVFEPSEAEISHTQKATLVCLATGFYPDHVELSWWVN
GKEVHSGVCTDPQPLKEQPALNDSRYCLSSRLRVSATFWQNPRNHFRCQVQFYGLSENDEWTQDRAKPVTQIVSAEAWGR
AD
;
H
5 'polypeptide(L)' IPLTEEAEL C
#
loop_
_chem_comp.id
_chem_comp.type
_chem_comp.name
_chem_comp.formula
EDO non-polymer 1,2-ETHANEDIOL 'C2 H6 O2'
SO4 non-polymer 'SULFATE ION' 'O4 S -2'
#
# COMPACT_ATOMS: atom_id res chain seq x y z
N SER A 2 27.38 -5.65 18.83
CA SER A 2 26.92 -4.79 17.74
C SER A 2 26.19 -5.61 16.67
N HIS A 3 25.05 -6.17 17.05
CA HIS A 3 24.33 -7.05 16.14
C HIS A 3 23.71 -6.27 14.98
N SER A 4 23.42 -7.00 13.91
CA SER A 4 22.87 -6.39 12.71
C SER A 4 21.91 -7.37 12.04
N MET A 5 20.99 -6.81 11.25
CA MET A 5 20.17 -7.58 10.34
C MET A 5 20.35 -7.02 8.93
N ARG A 6 20.56 -7.90 7.95
CA ARG A 6 20.77 -7.47 6.58
C ARG A 6 19.97 -8.34 5.63
N TYR A 7 19.39 -7.72 4.60
CA TYR A 7 18.82 -8.43 3.47
C TYR A 7 19.62 -8.09 2.22
N PHE A 8 19.88 -9.11 1.42
CA PHE A 8 20.64 -8.97 0.17
C PHE A 8 19.72 -9.39 -0.96
N TYR A 9 19.42 -8.46 -1.86
CA TYR A 9 18.56 -8.72 -3.01
C TYR A 9 19.38 -8.77 -4.28
N THR A 10 19.06 -9.72 -5.15
CA THR A 10 19.61 -9.76 -6.49
C THR A 10 18.48 -9.95 -7.49
N ALA A 11 18.45 -9.09 -8.51
CA ALA A 11 17.50 -9.20 -9.62
C ALA A 11 18.29 -9.16 -10.91
N MET A 12 18.15 -10.20 -11.73
CA MET A 12 18.90 -10.29 -12.98
C MET A 12 17.97 -10.51 -14.15
N SER A 13 18.06 -9.65 -15.15
CA SER A 13 17.30 -9.84 -16.37
C SER A 13 18.00 -10.87 -17.26
N ARG A 14 17.18 -11.58 -18.04
CA ARG A 14 17.68 -12.61 -18.94
C ARG A 14 16.78 -12.64 -20.17
N PRO A 15 16.95 -11.68 -21.07
CA PRO A 15 16.05 -11.58 -22.23
C PRO A 15 16.08 -12.84 -23.08
N GLY A 16 14.90 -13.39 -23.35
CA GLY A 16 14.75 -14.63 -24.09
C GLY A 16 14.72 -15.86 -23.21
N ARG A 17 15.52 -15.86 -22.13
CA ARG A 17 15.60 -16.99 -21.22
C ARG A 17 14.61 -16.88 -20.06
N GLY A 18 13.59 -16.03 -20.17
CA GLY A 18 12.55 -15.94 -19.19
C GLY A 18 12.51 -14.57 -18.52
N GLU A 19 11.62 -14.46 -17.54
CA GLU A 19 11.44 -13.23 -16.79
C GLU A 19 12.62 -13.01 -15.84
N PRO A 20 12.82 -11.79 -15.36
CA PRO A 20 13.93 -11.53 -14.44
C PRO A 20 13.84 -12.40 -13.19
N ARG A 21 15.00 -12.87 -12.73
CA ARG A 21 15.10 -13.71 -11.56
C ARG A 21 15.39 -12.84 -10.34
N PHE A 22 14.62 -13.04 -9.27
CA PHE A 22 14.80 -12.28 -8.04
C PHE A 22 15.18 -13.22 -6.91
N ILE A 23 16.29 -12.92 -6.25
CA ILE A 23 16.79 -13.70 -5.12
C ILE A 23 16.91 -12.79 -3.91
N ALA A 24 16.42 -13.28 -2.77
CA ALA A 24 16.55 -12.57 -1.51
C ALA A 24 17.11 -13.52 -0.46
N VAL A 25 18.10 -13.04 0.29
CA VAL A 25 18.64 -13.76 1.44
C VAL A 25 18.72 -12.78 2.61
N GLY A 26 18.40 -13.28 3.81
CA GLY A 26 18.45 -12.46 5.00
C GLY A 26 19.47 -13.01 5.98
N TYR A 27 20.08 -12.11 6.73
CA TYR A 27 21.14 -12.45 7.68
C TYR A 27 20.89 -11.77 9.01
N VAL A 28 21.18 -12.48 10.09
CA VAL A 28 21.39 -11.90 11.41
C VAL A 28 22.86 -12.11 11.73
N ASP A 29 23.61 -11.00 11.81
CA ASP A 29 25.08 -11.04 11.94
C ASP A 29 25.62 -11.84 10.75
N ASP A 30 26.36 -12.93 10.95
CA ASP A 30 26.87 -13.73 9.85
C ASP A 30 26.08 -15.02 9.66
N THR A 31 24.85 -15.08 10.15
CA THR A 31 24.02 -16.27 10.07
C THR A 31 22.88 -16.03 9.08
N GLN A 32 22.89 -16.76 7.97
CA GLN A 32 21.78 -16.71 7.03
C GLN A 32 20.58 -17.43 7.62
N PHE A 33 19.40 -16.81 7.52
CA PHE A 33 18.20 -17.43 8.09
C PHE A 33 17.03 -17.57 7.13
N VAL A 34 16.98 -16.82 6.02
CA VAL A 34 15.92 -17.00 5.03
C VAL A 34 16.51 -16.94 3.62
N ARG A 35 15.81 -17.58 2.69
CA ARG A 35 16.16 -17.61 1.28
C ARG A 35 14.89 -17.58 0.45
N PHE A 36 14.87 -16.77 -0.60
CA PHE A 36 13.80 -16.79 -1.58
C PHE A 36 14.43 -16.76 -2.97
N ASP A 37 13.93 -17.61 -3.86
CA ASP A 37 14.43 -17.69 -5.23
C ASP A 37 13.23 -17.84 -6.14
N SER A 38 12.99 -16.83 -6.98
CA SER A 38 11.82 -16.86 -7.87
C SER A 38 11.95 -17.90 -8.96
N ASP A 39 13.12 -18.51 -9.14
CA ASP A 39 13.34 -19.51 -10.17
C ASP A 39 12.70 -20.85 -9.86
N ALA A 40 12.16 -21.04 -8.66
CA ALA A 40 11.47 -22.29 -8.36
C ALA A 40 10.10 -22.31 -9.04
N ALA A 41 9.56 -23.52 -9.22
CA ALA A 41 8.26 -23.67 -9.85
C ALA A 41 7.17 -22.97 -9.04
N SER A 42 7.13 -23.22 -7.73
CA SER A 42 6.27 -22.51 -6.79
C SER A 42 7.19 -21.85 -5.77
N PRO A 43 7.66 -20.63 -6.04
CA PRO A 43 8.66 -20.02 -5.15
C PRO A 43 8.09 -19.74 -3.77
N ARG A 44 8.86 -20.10 -2.74
CA ARG A 44 8.47 -19.87 -1.36
C ARG A 44 9.70 -19.46 -0.56
N THR A 45 9.47 -18.68 0.48
CA THR A 45 10.54 -18.36 1.43
C THR A 45 10.88 -19.61 2.22
N GLU A 46 12.17 -19.89 2.34
CA GLU A 46 12.60 -21.10 3.02
C GLU A 46 13.53 -20.78 4.18
N PRO A 47 13.43 -21.52 5.28
CA PRO A 47 14.33 -21.27 6.42
C PRO A 47 15.74 -21.73 6.13
N ARG A 48 16.70 -21.00 6.71
CA ARG A 48 18.11 -21.35 6.61
C ARG A 48 18.81 -21.40 7.96
N ALA A 49 18.09 -21.23 9.06
CA ALA A 49 18.61 -21.37 10.41
C ALA A 49 17.50 -21.96 11.27
N PRO A 50 17.85 -22.79 12.26
CA PRO A 50 16.79 -23.51 13.00
C PRO A 50 15.81 -22.62 13.72
N TRP A 51 16.28 -21.50 14.29
CA TRP A 51 15.43 -20.69 15.15
C TRP A 51 14.35 -19.94 14.39
N ILE A 52 14.58 -19.62 13.10
CA ILE A 52 13.54 -18.95 12.34
C ILE A 52 12.33 -19.85 12.16
N GLU A 53 12.49 -21.17 12.26
CA GLU A 53 11.36 -22.06 12.12
C GLU A 53 10.40 -21.98 13.31
N GLN A 54 10.73 -21.20 14.34
CA GLN A 54 9.77 -20.93 15.40
C GLN A 54 8.63 -20.02 14.94
N GLU A 55 8.80 -19.32 13.83
CA GLU A 55 7.72 -18.46 13.33
C GLU A 55 6.56 -19.30 12.81
N GLY A 56 5.37 -18.70 12.84
CA GLY A 56 4.17 -19.40 12.45
C GLY A 56 3.93 -19.35 10.96
N PRO A 57 2.87 -20.04 10.52
CA PRO A 57 2.59 -20.12 9.07
C PRO A 57 2.35 -18.77 8.43
N GLU A 58 1.74 -17.82 9.15
CA GLU A 58 1.52 -16.50 8.57
C GLU A 58 2.84 -15.82 8.23
N TYR A 59 3.88 -16.06 9.03
CA TYR A 59 5.18 -15.45 8.76
C TYR A 59 5.71 -15.86 7.40
N TRP A 60 5.66 -17.16 7.09
CA TRP A 60 6.19 -17.64 5.81
C TRP A 60 5.31 -17.21 4.65
N ASP A 61 3.98 -17.31 4.81
CA ASP A 61 3.09 -16.84 3.75
C ASP A 61 3.32 -15.37 3.44
N ARG A 62 3.50 -14.55 4.48
CA ARG A 62 3.61 -13.11 4.26
C ARG A 62 4.94 -12.73 3.64
N ASN A 63 6.04 -13.37 4.07
CA ASN A 63 7.33 -13.13 3.44
C ASN A 63 7.30 -13.52 1.97
N THR A 64 6.68 -14.65 1.65
CA THR A 64 6.58 -15.08 0.27
C THR A 64 5.80 -14.08 -0.58
N GLN A 65 4.70 -13.54 -0.03
CA GLN A 65 3.93 -12.51 -0.73
C GLN A 65 4.82 -11.32 -1.07
N ILE A 66 5.60 -10.85 -0.10
CA ILE A 66 6.45 -9.69 -0.31
C ILE A 66 7.49 -9.99 -1.39
N PHE A 67 8.17 -11.13 -1.28
CA PHE A 67 9.22 -11.45 -2.23
C PHE A 67 8.65 -11.75 -3.62
N LYS A 68 7.45 -12.32 -3.70
CA LYS A 68 6.81 -12.50 -5.00
C LYS A 68 6.48 -11.15 -5.63
N THR A 69 6.00 -10.19 -4.82
CA THR A 69 5.77 -8.85 -5.33
C THR A 69 7.07 -8.18 -5.74
N ASN A 70 8.13 -8.36 -4.93
CA ASN A 70 9.44 -7.81 -5.29
C ASN A 70 9.92 -8.33 -6.63
N THR A 71 9.64 -9.60 -6.93
CA THR A 71 10.02 -10.15 -8.22
C THR A 71 9.41 -9.35 -9.36
N GLN A 72 8.14 -8.95 -9.21
CA GLN A 72 7.49 -8.15 -10.25
C GLN A 72 7.99 -6.72 -10.23
N THR A 73 8.21 -6.15 -9.03
CA THR A 73 8.65 -4.76 -8.95
C THR A 73 10.07 -4.58 -9.50
N TYR A 74 10.97 -5.52 -9.21
CA TYR A 74 12.33 -5.41 -9.74
C TYR A 74 12.37 -5.65 -11.23
N ARG A 75 11.39 -6.39 -11.79
CA ARG A 75 11.27 -6.46 -13.24
C ARG A 75 11.05 -5.08 -13.84
N GLU A 76 10.18 -4.28 -13.22
CA GLU A 76 9.96 -2.91 -13.68
C GLU A 76 11.19 -2.04 -13.46
N SER A 77 11.87 -2.21 -12.32
CA SER A 77 13.08 -1.43 -12.06
C SER A 77 14.15 -1.70 -13.11
N LEU A 78 14.31 -2.96 -13.51
CA LEU A 78 15.25 -3.29 -14.56
C LEU A 78 14.88 -2.62 -15.88
N ARG A 79 13.59 -2.63 -16.23
CA ARG A 79 13.15 -1.92 -17.44
C ARG A 79 13.44 -0.43 -17.32
N ASN A 80 13.20 0.14 -16.14
CA ASN A 80 13.42 1.58 -15.94
C ASN A 80 14.89 1.93 -16.15
N LEU A 81 15.80 1.16 -15.54
CA LEU A 81 17.22 1.47 -15.67
C LEU A 81 17.72 1.25 -17.10
N ARG A 82 17.19 0.22 -17.78
CA ARG A 82 17.52 0.06 -19.20
C ARG A 82 17.11 1.30 -20.00
N GLY A 83 15.97 1.90 -19.64
CA GLY A 83 15.57 3.15 -20.28
C GLY A 83 16.46 4.32 -19.88
N TYR A 84 16.87 4.39 -18.61
CA TYR A 84 17.73 5.47 -18.17
C TYR A 84 19.02 5.53 -18.99
N TYR A 85 19.62 4.35 -19.22
CA TYR A 85 20.90 4.26 -19.91
C TYR A 85 20.78 4.05 -21.41
N ASN A 86 19.55 3.99 -21.94
CA ASN A 86 19.32 3.73 -23.37
C ASN A 86 20.00 2.43 -23.80
N GLN A 87 19.78 1.38 -23.01
CA GLN A 87 20.41 0.09 -23.28
C GLN A 87 19.50 -0.79 -24.12
N SER A 88 20.11 -1.73 -24.84
CA SER A 88 19.37 -2.66 -25.67
C SER A 88 18.52 -3.60 -24.81
N GLU A 89 17.43 -4.08 -25.40
CA GLU A 89 16.58 -5.06 -24.72
C GLU A 89 17.17 -6.47 -24.76
N ALA A 90 18.33 -6.66 -25.38
CA ALA A 90 18.92 -7.98 -25.56
C ALA A 90 20.00 -8.32 -24.53
N GLY A 91 20.51 -7.34 -23.80
CA GLY A 91 21.54 -7.59 -22.82
C GLY A 91 20.96 -7.95 -21.45
N SER A 92 21.76 -8.68 -20.68
CA SER A 92 21.42 -9.07 -19.32
C SER A 92 22.03 -8.09 -18.33
N HIS A 93 21.24 -7.69 -17.34
CA HIS A 93 21.69 -6.72 -16.35
C HIS A 93 21.23 -7.17 -14.96
N ILE A 94 21.90 -6.64 -13.94
CA ILE A 94 21.72 -7.10 -12.57
C ILE A 94 21.60 -5.89 -11.65
N ILE A 95 20.57 -5.88 -10.82
CA ILE A 95 20.47 -4.95 -9.70
C ILE A 95 20.79 -5.73 -8.43
N GLN A 96 21.66 -5.18 -7.59
CA GLN A 96 21.94 -5.75 -6.28
C GLN A 96 21.61 -4.72 -5.21
N ARG A 97 21.20 -5.20 -4.04
CA ARG A 97 20.82 -4.29 -2.97
C ARG A 97 21.13 -4.90 -1.61
N MET A 98 21.65 -4.06 -0.71
N MET A 98 21.63 -4.07 -0.71
CA MET A 98 21.87 -4.40 0.68
CA MET A 98 21.83 -4.45 0.68
C MET A 98 21.16 -3.37 1.55
C MET A 98 21.19 -3.40 1.56
N TYR A 99 20.40 -3.83 2.54
CA TYR A 99 19.81 -2.91 3.50
C TYR A 99 19.68 -3.60 4.83
N GLY A 100 19.57 -2.82 5.89
CA GLY A 100 19.41 -3.38 7.21
C GLY A 100 19.85 -2.39 8.29
N CYS A 101 19.81 -2.89 9.53
CA CYS A 101 19.98 -2.06 10.71
C CYS A 101 21.11 -2.60 11.56
N ASP A 102 21.85 -1.68 12.18
CA ASP A 102 22.86 -1.99 13.20
C ASP A 102 22.29 -1.65 14.58
N LEU A 103 22.38 -2.59 15.50
CA LEU A 103 21.72 -2.47 16.80
C LEU A 103 22.68 -1.84 17.81
N GLY A 104 22.25 -0.73 18.42
CA GLY A 104 23.05 -0.06 19.41
C GLY A 104 22.89 -0.67 20.79
N PRO A 105 23.68 -0.17 21.74
CA PRO A 105 23.67 -0.76 23.09
C PRO A 105 22.37 -0.52 23.83
N ASP A 106 21.65 0.55 23.53
CA ASP A 106 20.37 0.84 24.17
C ASP A 106 19.21 0.03 23.58
N GLY A 107 19.50 -0.96 22.74
CA GLY A 107 18.46 -1.72 22.08
C GLY A 107 17.77 -0.99 20.95
N ARG A 108 18.33 0.12 20.49
CA ARG A 108 17.76 0.91 19.41
C ARG A 108 18.75 1.01 18.25
N LEU A 109 18.30 1.65 17.18
CA LEU A 109 19.07 1.71 15.93
C LEU A 109 20.36 2.49 16.13
N LEU A 110 21.49 1.85 15.87
CA LEU A 110 22.78 2.53 15.82
C LEU A 110 23.01 3.17 14.46
N ARG A 111 22.79 2.42 13.39
CA ARG A 111 23.01 2.92 12.04
C ARG A 111 22.14 2.13 11.07
N GLY A 112 21.58 2.82 10.08
CA GLY A 112 20.76 2.20 9.06
C GLY A 112 21.50 2.21 7.73
N HIS A 113 21.18 1.24 6.87
CA HIS A 113 21.85 1.08 5.59
C HIS A 113 20.84 0.75 4.50
N ASP A 114 21.08 1.30 3.31
CA ASP A 114 20.31 0.91 2.12
C ASP A 114 21.12 1.32 0.90
N GLN A 115 21.66 0.33 0.18
CA GLN A 115 22.54 0.56 -0.95
C GLN A 115 22.15 -0.33 -2.11
N SER A 116 22.22 0.22 -3.32
CA SER A 116 21.90 -0.54 -4.52
C SER A 116 23.02 -0.38 -5.55
N ALA A 117 23.16 -1.39 -6.40
CA ALA A 117 24.13 -1.38 -7.48
C ALA A 117 23.46 -1.82 -8.78
N TYR A 118 24.01 -1.34 -9.89
CA TYR A 118 23.58 -1.75 -11.22
C TYR A 118 24.81 -2.31 -11.94
N ASP A 119 24.72 -3.58 -12.34
CA ASP A 119 25.82 -4.26 -13.02
C ASP A 119 27.12 -4.16 -12.25
N GLY A 120 27.03 -4.35 -10.92
CA GLY A 120 28.20 -4.42 -10.08
C GLY A 120 28.83 -3.09 -9.75
N LYS A 121 28.18 -1.97 -10.05
CA LYS A 121 28.70 -0.65 -9.75
C LYS A 121 27.71 0.10 -8.88
N ASP A 122 28.22 0.86 -7.90
CA ASP A 122 27.36 1.67 -7.04
C ASP A 122 26.38 2.49 -7.87
N TYR A 123 25.11 2.49 -7.44
CA TYR A 123 24.06 3.23 -8.14
C TYR A 123 23.47 4.32 -7.25
N ILE A 124 22.84 3.97 -6.13
CA ILE A 124 22.27 4.94 -5.23
C ILE A 124 22.35 4.39 -3.82
N ALA A 125 22.43 5.29 -2.84
CA ALA A 125 22.60 4.87 -1.45
C ALA A 125 21.90 5.86 -0.54
N LEU A 126 21.28 5.32 0.51
CA LEU A 126 20.66 6.15 1.53
C LEU A 126 21.74 6.69 2.46
N ASN A 127 21.73 8.00 2.68
CA ASN A 127 22.74 8.62 3.53
C ASN A 127 22.50 8.27 4.99
N GLU A 128 23.51 8.54 5.81
CA GLU A 128 23.45 8.14 7.22
C GLU A 128 22.32 8.84 7.95
N ASP A 129 21.92 10.04 7.51
CA ASP A 129 20.80 10.72 8.13
C ASP A 129 19.46 10.05 7.83
N LEU A 130 19.44 9.04 6.96
CA LEU A 130 18.22 8.32 6.58
C LEU A 130 17.15 9.26 6.02
N SER A 131 17.58 10.40 5.48
CA SER A 131 16.65 11.39 4.97
C SER A 131 17.05 11.93 3.60
N SER A 132 18.11 11.42 2.99
CA SER A 132 18.58 11.89 1.71
C SER A 132 19.34 10.77 1.02
N TRP A 133 19.64 10.97 -0.25
CA TRP A 133 20.27 9.96 -1.08
C TRP A 133 21.56 10.49 -1.70
N THR A 134 22.48 9.56 -2.01
CA THR A 134 23.67 9.85 -2.79
C THR A 134 23.57 9.07 -4.09
N ALA A 135 23.42 9.77 -5.20
CA ALA A 135 23.33 9.17 -6.52
C ALA A 135 24.71 9.12 -7.16
N ALA A 136 25.02 7.99 -7.79
CA ALA A 136 26.35 7.78 -8.35
C ALA A 136 26.54 8.45 -9.70
N ASP A 137 25.48 8.58 -10.50
CA ASP A 137 25.61 9.12 -11.85
C ASP A 137 24.32 9.83 -12.23
N THR A 138 24.23 10.28 -13.48
CA THR A 138 23.06 11.03 -13.93
C THR A 138 21.80 10.18 -13.88
N ALA A 139 21.91 8.90 -14.25
CA ALA A 139 20.74 8.01 -14.23
C ALA A 139 20.19 7.89 -12.82
N ALA A 140 21.07 7.66 -11.84
CA ALA A 140 20.63 7.54 -10.46
C ALA A 140 20.00 8.82 -9.94
N GLN A 141 20.30 9.97 -10.54
CA GLN A 141 19.60 11.21 -10.19
C GLN A 141 18.15 11.19 -10.64
N ILE A 142 17.80 10.38 -11.64
CA ILE A 142 16.39 10.20 -11.98
C ILE A 142 15.69 9.43 -10.87
N THR A 143 16.28 8.31 -10.44
CA THR A 143 15.75 7.58 -9.29
C THR A 143 15.65 8.46 -8.07
N GLN A 144 16.68 9.28 -7.82
CA GLN A 144 16.68 10.17 -6.66
C GLN A 144 15.48 11.10 -6.68
N ARG A 145 15.22 11.75 -7.84
CA ARG A 145 14.10 12.67 -7.93
C ARG A 145 12.76 11.95 -7.72
N LYS A 146 12.61 10.76 -8.30
CA LYS A 146 11.37 10.02 -8.11
C LYS A 146 11.20 9.59 -6.65
N TRP A 147 12.29 9.17 -6.01
CA TRP A 147 12.21 8.72 -4.62
C TRP A 147 12.09 9.88 -3.64
N GLU A 148 12.59 11.07 -4.00
CA GLU A 148 12.33 12.24 -3.17
C GLU A 148 10.85 12.61 -3.19
N ALA A 149 10.24 12.60 -4.37
CA ALA A 149 8.82 12.92 -4.45
C ALA A 149 7.97 11.84 -3.81
N ALA A 150 8.36 10.57 -3.97
CA ALA A 150 7.63 9.46 -3.38
C ALA A 150 7.89 9.29 -1.89
N ARG A 151 8.90 9.97 -1.34
CA ARG A 151 9.25 9.91 0.08
C ARG A 151 9.72 8.51 0.49
N VAL A 152 10.55 7.90 -0.37
CA VAL A 152 11.09 6.58 -0.08
C VAL A 152 12.00 6.63 1.15
N ALA A 153 12.76 7.72 1.31
CA ALA A 153 13.65 7.83 2.46
C ALA A 153 12.86 7.79 3.77
N GLU A 154 11.70 8.45 3.78
CA GLU A 154 10.85 8.43 4.97
C GLU A 154 10.34 7.01 5.26
N GLN A 155 9.98 6.26 4.22
CA GLN A 155 9.57 4.88 4.41
C GLN A 155 10.72 4.04 4.95
N LEU A 156 11.92 4.19 4.40
CA LEU A 156 13.07 3.42 4.85
C LEU A 156 13.44 3.76 6.28
N ARG A 157 13.45 5.06 6.61
CA ARG A 157 13.81 5.46 7.97
C ARG A 157 12.86 4.86 8.99
N ALA A 158 11.56 4.84 8.69
CA ALA A 158 10.59 4.25 9.60
C ALA A 158 10.86 2.75 9.79
N TYR A 159 11.11 2.04 8.69
CA TYR A 159 11.42 0.61 8.79
C TYR A 159 12.70 0.38 9.58
N LEU A 160 13.77 1.11 9.24
CA LEU A 160 15.07 0.87 9.86
C LEU A 160 15.04 1.16 11.36
N GLU A 161 14.36 2.25 11.75
CA GLU A 161 14.24 2.57 13.16
C GLU A 161 13.15 1.76 13.86
N GLY A 162 12.23 1.17 13.11
CA GLY A 162 11.11 0.47 13.69
C GLY A 162 11.16 -1.03 13.55
N LEU A 163 10.56 -1.55 12.48
CA LEU A 163 10.41 -2.99 12.33
C LEU A 163 11.76 -3.71 12.28
N CYS A 164 12.75 -3.10 11.63
CA CYS A 164 14.06 -3.74 11.50
C CYS A 164 14.68 -4.00 12.87
N VAL A 165 14.66 -2.99 13.74
CA VAL A 165 15.18 -3.14 15.09
C VAL A 165 14.32 -4.11 15.90
N GLU A 166 13.00 -3.96 15.81
CA GLU A 166 12.11 -4.79 16.63
C GLU A 166 12.26 -6.26 16.31
N TRP A 167 12.33 -6.61 15.03
CA TRP A 167 12.40 -8.03 14.65
C TRP A 167 13.81 -8.58 14.76
N LEU A 168 14.84 -7.74 14.63
CA LEU A 168 16.20 -8.21 14.92
C LEU A 168 16.34 -8.60 16.39
N ARG A 169 15.79 -7.79 17.29
CA ARG A 169 15.80 -8.15 18.70
C ARG A 169 15.03 -9.44 18.95
N ARG A 170 13.95 -9.65 18.20
CA ARG A 170 13.16 -10.88 18.35
C ARG A 170 13.96 -12.10 17.91
N TYR A 171 14.63 -12.01 16.76
CA TYR A 171 15.43 -13.13 16.29
C TYR A 171 16.58 -13.42 17.24
N LEU A 172 17.24 -12.37 17.73
CA LEU A 172 18.36 -12.55 18.65
C LEU A 172 17.93 -13.30 19.90
N GLU A 173 16.69 -13.09 20.35
CA GLU A 173 16.17 -13.82 21.50
C GLU A 173 15.82 -15.25 21.15
N ASN A 174 15.09 -15.45 20.05
CA ASN A 174 14.66 -16.79 19.66
C ASN A 174 15.84 -17.72 19.40
N GLY A 175 16.95 -17.19 18.92
CA GLY A 175 18.12 -18.01 18.66
C GLY A 175 19.34 -17.62 19.46
N LYS A 176 19.14 -17.14 20.69
CA LYS A 176 20.26 -16.63 21.47
C LYS A 176 21.29 -17.69 21.82
N GLU A 177 20.89 -18.96 21.86
CA GLU A 177 21.85 -20.01 22.18
C GLU A 177 22.86 -20.23 21.05
N THR A 178 22.57 -19.75 19.85
CA THR A 178 23.53 -19.72 18.76
C THR A 178 23.95 -18.31 18.37
N LEU A 179 23.00 -17.38 18.29
CA LEU A 179 23.31 -16.04 17.79
C LEU A 179 24.12 -15.22 18.79
N GLN A 180 23.86 -15.39 20.09
CA GLN A 180 24.52 -14.60 21.12
C GLN A 180 25.59 -15.40 21.86
N ARG A 181 26.03 -16.52 21.30
CA ARG A 181 27.14 -17.29 21.84
C ARG A 181 28.28 -17.24 20.83
N ALA A 182 29.32 -16.47 21.15
CA ALA A 182 30.50 -16.41 20.30
C ALA A 182 31.33 -17.67 20.48
N ASP A 183 31.77 -18.25 19.36
CA ASP A 183 32.58 -19.45 19.41
C ASP A 183 34.04 -19.05 19.19
N PRO A 184 34.93 -19.20 20.18
CA PRO A 184 36.31 -18.80 19.97
C PRO A 184 36.99 -19.67 18.95
N PRO A 185 38.03 -19.17 18.29
CA PRO A 185 38.76 -20.01 17.33
C PRO A 185 39.63 -21.03 18.05
N LYS A 186 39.81 -22.18 17.40
CA LYS A 186 40.88 -23.10 17.75
C LYS A 186 42.12 -22.67 16.96
N THR A 187 43.25 -22.62 17.63
CA THR A 187 44.44 -21.99 17.07
C THR A 187 45.66 -22.90 17.17
N HIS A 188 46.52 -22.80 16.16
CA HIS A 188 47.83 -23.45 16.19
C HIS A 188 48.72 -22.78 15.14
N VAL A 189 50.02 -23.07 15.21
CA VAL A 189 51.01 -22.50 14.32
C VAL A 189 51.79 -23.63 13.68
N THR A 190 51.98 -23.54 12.36
CA THR A 190 52.74 -24.52 11.60
C THR A 190 53.99 -23.87 11.04
N HIS A 191 54.95 -24.72 10.66
CA HIS A 191 56.28 -24.29 10.23
C HIS A 191 56.71 -25.14 9.05
N HIS A 192 56.99 -24.50 7.93
CA HIS A 192 57.38 -25.19 6.69
C HIS A 192 58.62 -24.53 6.12
N PRO A 193 59.72 -25.26 5.92
CA PRO A 193 60.88 -24.66 5.25
C PRO A 193 60.60 -24.45 3.78
N VAL A 194 61.04 -23.30 3.27
CA VAL A 194 60.94 -23.00 1.84
C VAL A 194 62.30 -22.86 1.16
N SER A 195 63.38 -22.84 1.92
CA SER A 195 64.73 -22.81 1.37
C SER A 195 65.68 -23.21 2.50
N ASP A 196 66.99 -23.14 2.20
CA ASP A 196 67.99 -23.42 3.22
C ASP A 196 68.03 -22.36 4.31
N HIS A 197 67.40 -21.21 4.10
CA HIS A 197 67.51 -20.09 5.03
C HIS A 197 66.19 -19.38 5.29
N GLU A 198 65.08 -19.90 4.80
CA GLU A 198 63.78 -19.28 5.02
C GLU A 198 62.75 -20.34 5.35
N ALA A 199 61.72 -19.94 6.09
CA ALA A 199 60.65 -20.84 6.48
C ALA A 199 59.35 -20.06 6.59
N THR A 200 58.25 -20.79 6.47
CA THR A 200 56.90 -20.21 6.54
C THR A 200 56.30 -20.49 7.90
N LEU A 201 55.84 -19.45 8.57
CA LEU A 201 55.06 -19.56 9.80
C LEU A 201 53.62 -19.22 9.46
N ARG A 202 52.72 -20.20 9.62
CA ARG A 202 51.31 -20.02 9.32
C ARG A 202 50.51 -20.15 10.61
N CYS A 203 49.72 -19.12 10.92
CA CYS A 203 48.93 -19.07 12.14
C CYS A 203 47.48 -19.32 11.78
N TRP A 204 46.87 -20.32 12.42
CA TRP A 204 45.54 -20.81 12.05
C TRP A 204 44.50 -20.40 13.07
N ALA A 205 43.29 -20.10 12.58
CA ALA A 205 42.12 -19.91 13.41
C ALA A 205 40.98 -20.69 12.77
N LEU A 206 40.40 -21.62 13.52
CA LEU A 206 39.41 -22.53 12.98
C LEU A 206 38.17 -22.58 13.87
N GLY A 207 37.01 -22.71 13.23
CA GLY A 207 35.76 -22.92 13.94
C GLY A 207 35.29 -21.76 14.77
N PHE A 208 35.51 -20.53 14.33
CA PHE A 208 35.09 -19.37 15.10
C PHE A 208 33.83 -18.74 14.52
N TYR A 209 33.09 -18.07 15.40
CA TYR A 209 31.88 -17.33 15.06
C TYR A 209 31.76 -16.18 16.04
N PRO A 210 31.43 -14.96 15.59
CA PRO A 210 31.18 -14.57 14.19
C PRO A 210 32.47 -14.47 13.36
N ALA A 211 32.33 -14.08 12.10
CA ALA A 211 33.48 -14.07 11.19
C ALA A 211 34.51 -13.01 11.57
N GLU A 212 34.11 -11.95 12.24
CA GLU A 212 35.04 -10.87 12.58
C GLU A 212 36.18 -11.41 13.45
N ILE A 213 37.41 -11.21 13.00
CA ILE A 213 38.58 -11.72 13.70
C ILE A 213 39.79 -10.92 13.23
N THR A 214 40.81 -10.86 14.08
CA THR A 214 42.08 -10.22 13.73
C THR A 214 43.20 -11.22 13.97
N LEU A 215 43.87 -11.61 12.89
CA LEU A 215 45.09 -12.41 12.94
C LEU A 215 46.24 -11.53 12.48
N THR A 216 47.25 -11.36 13.34
CA THR A 216 48.39 -10.53 13.01
C THR A 216 49.67 -11.23 13.47
N TRP A 217 50.72 -11.10 12.67
CA TRP A 217 52.06 -11.53 13.06
C TRP A 217 52.85 -10.34 13.56
N GLN A 218 53.60 -10.55 14.63
CA GLN A 218 54.51 -9.56 15.17
C GLN A 218 55.93 -10.12 15.21
N ARG A 219 56.89 -9.28 14.87
CA ARG A 219 58.31 -9.59 15.01
C ARG A 219 58.89 -8.65 16.05
N ASP A 220 59.34 -9.20 17.18
CA ASP A 220 59.82 -8.41 18.31
C ASP A 220 58.77 -7.38 18.73
N GLY A 221 57.49 -7.76 18.62
CA GLY A 221 56.40 -6.90 18.99
C GLY A 221 56.01 -5.87 17.94
N GLU A 222 56.56 -5.94 16.73
CA GLU A 222 56.24 -5.00 15.67
C GLU A 222 55.34 -5.70 14.66
N ASP A 223 54.25 -5.02 14.29
CA ASP A 223 53.30 -5.59 13.34
C ASP A 223 53.98 -5.87 12.00
N GLN A 224 53.61 -7.00 11.39
CA GLN A 224 54.16 -7.44 10.12
C GLN A 224 53.11 -7.45 9.03
N THR A 225 52.21 -6.46 9.06
CA THR A 225 51.04 -6.48 8.19
C THR A 225 51.42 -6.54 6.72
N GLN A 226 52.36 -5.69 6.29
CA GLN A 226 52.75 -5.65 4.89
C GLN A 226 53.46 -6.93 4.44
N ASP A 227 54.08 -7.64 5.38
CA ASP A 227 54.78 -8.88 5.08
C ASP A 227 53.91 -10.11 5.25
N THR A 228 52.66 -9.96 5.67
CA THR A 228 51.82 -11.08 6.04
C THR A 228 50.88 -11.45 4.89
N GLU A 229 50.87 -12.73 4.52
CA GLU A 229 49.86 -13.24 3.60
C GLU A 229 48.63 -13.61 4.41
N LEU A 230 47.51 -12.98 4.09
CA LEU A 230 46.28 -13.08 4.89
C LEU A 230 45.15 -13.49 3.95
N VAL A 231 44.71 -14.75 4.05
CA VAL A 231 43.64 -15.21 3.18
C VAL A 231 42.31 -14.68 3.67
N GLU A 232 41.36 -14.58 2.74
CA GLU A 232 40.00 -14.21 3.08
C GLU A 232 39.39 -15.21 4.05
N THR A 233 38.69 -14.70 5.06
CA THR A 233 37.95 -15.56 5.96
C THR A 233 36.97 -16.41 5.16
N ARG A 234 36.98 -17.71 5.41
CA ARG A 234 36.23 -18.65 4.59
C ARG A 234 35.26 -19.46 5.45
N PRO A 235 34.12 -19.84 4.90
CA PRO A 235 33.15 -20.62 5.69
C PRO A 235 33.56 -22.07 5.81
N ALA A 236 33.41 -22.60 7.03
CA ALA A 236 33.70 -24.01 7.26
C ALA A 236 32.59 -24.93 6.75
N GLY A 237 31.39 -24.39 6.56
CA GLY A 237 30.24 -25.17 6.14
C GLY A 237 29.25 -25.47 7.25
N ASP A 238 29.67 -25.31 8.51
CA ASP A 238 28.80 -25.54 9.67
C ASP A 238 28.46 -24.24 10.39
N ARG A 239 28.42 -23.14 9.65
CA ARG A 239 28.19 -21.77 10.11
C ARG A 239 29.38 -21.17 10.83
N THR A 240 30.47 -21.89 11.00
CA THR A 240 31.70 -21.33 11.54
C THR A 240 32.65 -20.95 10.41
N PHE A 241 33.77 -20.33 10.76
CA PHE A 241 34.69 -19.78 9.77
C PHE A 241 36.11 -20.24 10.04
N GLN A 242 36.97 -19.99 9.06
CA GLN A 242 38.39 -20.33 9.12
C GLN A 242 39.19 -19.18 8.52
N LYS A 243 40.40 -19.00 9.04
CA LYS A 243 41.31 -17.98 8.53
C LYS A 243 42.73 -18.36 8.93
N TRP A 244 43.69 -17.97 8.11
CA TRP A 244 45.08 -18.09 8.52
C TRP A 244 45.88 -16.92 7.98
N ALA A 245 47.04 -16.72 8.59
CA ALA A 245 47.97 -15.67 8.22
C ALA A 245 49.37 -16.26 8.22
N ALA A 246 50.15 -15.97 7.18
CA ALA A 246 51.47 -16.55 7.02
C ALA A 246 52.51 -15.48 6.80
N VAL A 247 53.74 -15.78 7.20
CA VAL A 247 54.89 -14.91 6.99
C VAL A 247 56.09 -15.78 6.71
N VAL A 248 56.93 -15.34 5.78
CA VAL A 248 58.20 -16.01 5.49
C VAL A 248 59.28 -15.33 6.32
N VAL A 249 60.00 -16.12 7.11
CA VAL A 249 60.95 -15.59 8.09
C VAL A 249 62.34 -16.16 7.82
N PRO A 250 63.39 -15.46 8.20
CA PRO A 250 64.73 -16.06 8.12
C PRO A 250 64.89 -17.18 9.13
N SER A 251 65.53 -18.27 8.70
CA SER A 251 65.77 -19.40 9.58
C SER A 251 66.59 -18.95 10.79
N GLY A 252 66.07 -19.21 11.98
CA GLY A 252 66.69 -18.78 13.22
C GLY A 252 66.00 -17.64 13.90
N GLU A 253 65.06 -16.97 13.23
CA GLU A 253 64.30 -15.86 13.81
C GLU A 253 62.93 -16.28 14.32
N GLU A 254 62.58 -17.57 14.24
CA GLU A 254 61.21 -17.98 14.54
C GLU A 254 60.77 -17.60 15.95
N GLN A 255 61.70 -17.53 16.90
CA GLN A 255 61.31 -17.15 18.25
C GLN A 255 60.98 -15.67 18.38
N ARG A 256 61.44 -14.84 17.43
CA ARG A 256 61.06 -13.43 17.41
C ARG A 256 59.64 -13.21 16.92
N TYR A 257 58.98 -14.23 16.39
CA TYR A 257 57.69 -14.08 15.74
C TYR A 257 56.57 -14.63 16.64
N THR A 258 55.55 -13.81 16.85
CA THR A 258 54.38 -14.22 17.64
C THR A 258 53.13 -13.93 16.82
N CYS A 259 52.14 -14.80 16.96
CA CYS A 259 50.84 -14.60 16.32
C CYS A 259 49.84 -14.11 17.35
N HIS A 260 49.12 -13.05 17.01
CA HIS A 260 48.14 -12.44 17.89
C HIS A 260 46.75 -12.63 17.33
N VAL A 261 45.85 -13.17 18.15
CA VAL A 261 44.50 -13.54 17.73
C VAL A 261 43.51 -12.77 18.59
N GLN A 262 42.69 -11.95 17.95
CA GLN A 262 41.64 -11.18 18.63
C GLN A 262 40.29 -11.67 18.12
N HIS A 263 39.42 -12.08 19.03
CA HIS A 263 38.11 -12.55 18.65
C HIS A 263 37.16 -12.43 19.84
N GLU A 264 35.88 -12.21 19.52
CA GLU A 264 34.88 -11.97 20.57
C GLU A 264 34.74 -13.16 21.49
N GLY A 265 34.96 -14.38 20.99
CA GLY A 265 34.82 -15.56 21.81
C GLY A 265 36.00 -15.86 22.72
N LEU A 266 37.08 -15.10 22.61
CA LEU A 266 38.25 -15.34 23.45
C LEU A 266 38.14 -14.54 24.75
N PRO A 267 38.37 -15.18 25.90
CA PRO A 267 38.42 -14.39 27.15
C PRO A 267 39.47 -13.31 27.11
N LYS A 268 40.68 -13.64 26.66
CA LYS A 268 41.78 -12.72 26.47
C LYS A 268 42.37 -12.93 25.08
N PRO A 269 42.91 -11.87 24.47
CA PRO A 269 43.63 -12.05 23.21
C PRO A 269 44.75 -13.07 23.35
N LEU A 270 44.94 -13.87 22.30
CA LEU A 270 45.94 -14.93 22.32
C LEU A 270 47.27 -14.42 21.76
N THR A 271 48.36 -14.94 22.31
CA THR A 271 49.70 -14.76 21.77
C THR A 271 50.28 -16.15 21.54
N LEU A 272 50.52 -16.49 20.28
CA LEU A 272 50.97 -17.82 19.89
C LEU A 272 52.37 -17.77 19.32
N ARG A 273 53.13 -18.83 19.59
CA ARG A 273 54.46 -19.02 19.03
C ARG A 273 54.53 -20.39 18.40
N TRP A 274 55.49 -20.56 17.48
CA TRP A 274 55.77 -21.88 16.94
C TRP A 274 56.56 -22.68 17.97
N GLU A 275 56.03 -23.84 18.36
CA GLU A 275 56.67 -24.68 19.37
C GLU A 275 57.12 -25.98 18.73
N PRO A 276 58.42 -26.15 18.45
CA PRO A 276 58.98 -27.39 17.88
C PRO A 276 58.67 -28.61 18.73
N ILE B 1 31.99 -5.10 -17.24
CA ILE B 1 32.45 -5.06 -15.86
C ILE B 1 32.56 -6.48 -15.32
N GLN B 2 33.80 -6.97 -15.20
CA GLN B 2 34.05 -8.36 -14.85
C GLN B 2 35.10 -8.45 -13.75
N ARG B 3 34.89 -9.37 -12.81
CA ARG B 3 35.85 -9.70 -11.77
C ARG B 3 36.06 -11.21 -11.75
N THR B 4 37.32 -11.63 -11.76
CA THR B 4 37.61 -13.06 -11.79
C THR B 4 37.53 -13.65 -10.37
N PRO B 5 37.09 -14.89 -10.24
CA PRO B 5 36.89 -15.46 -8.91
C PRO B 5 38.18 -15.88 -8.24
N LYS B 6 38.19 -15.76 -6.91
CA LYS B 6 39.18 -16.40 -6.07
C LYS B 6 38.73 -17.81 -5.74
N ILE B 7 39.69 -18.66 -5.36
CA ILE B 7 39.42 -20.07 -5.10
C ILE B 7 40.21 -20.50 -3.86
N GLN B 8 39.52 -21.18 -2.95
CA GLN B 8 40.16 -21.85 -1.81
C GLN B 8 39.63 -23.26 -1.71
N VAL B 9 40.54 -24.23 -1.63
CA VAL B 9 40.19 -25.64 -1.48
C VAL B 9 40.71 -26.09 -0.12
N TYR B 10 39.81 -26.62 0.71
CA TYR B 10 40.15 -26.95 2.09
C TYR B 10 39.12 -27.94 2.62
N SER B 11 39.25 -28.27 3.90
CA SER B 11 38.34 -29.19 4.57
C SER B 11 37.70 -28.51 5.76
N ARG B 12 36.49 -28.95 6.10
CA ARG B 12 35.78 -28.39 7.25
C ARG B 12 36.52 -28.69 8.56
N HIS B 13 37.05 -29.89 8.69
CA HIS B 13 37.81 -30.31 9.85
C HIS B 13 39.23 -30.67 9.42
N PRO B 14 40.19 -30.65 10.36
CA PRO B 14 41.55 -31.06 10.02
C PRO B 14 41.58 -32.47 9.43
N ALA B 15 42.38 -32.64 8.38
CA ALA B 15 42.39 -33.88 7.62
C ALA B 15 43.05 -35.00 8.42
N GLU B 16 42.38 -36.16 8.45
CA GLU B 16 42.92 -37.36 9.07
C GLU B 16 42.63 -38.54 8.15
N ASN B 17 43.66 -39.33 7.86
CA ASN B 17 43.53 -40.47 6.96
C ASN B 17 42.50 -41.47 7.48
N GLY B 18 41.38 -41.60 6.76
CA GLY B 18 40.36 -42.58 7.08
C GLY B 18 39.13 -42.02 7.77
N LYS B 19 39.22 -40.84 8.37
CA LYS B 19 38.11 -40.25 9.09
C LYS B 19 37.26 -39.41 8.14
N SER B 20 35.94 -39.48 8.31
CA SER B 20 35.03 -38.71 7.47
C SER B 20 35.25 -37.21 7.65
N ASN B 21 34.91 -36.45 6.62
CA ASN B 21 35.13 -35.01 6.62
C ASN B 21 34.28 -34.39 5.51
N PHE B 22 34.43 -33.09 5.32
CA PHE B 22 33.81 -32.35 4.24
C PHE B 22 34.88 -31.66 3.41
N LEU B 23 34.72 -31.69 2.09
CA LEU B 23 35.65 -31.06 1.17
C LEU B 23 35.01 -29.78 0.63
N ASN B 24 35.65 -28.64 0.89
CA ASN B 24 35.10 -27.34 0.56
C ASN B 24 35.87 -26.70 -0.58
N CYS B 25 35.13 -26.10 -1.51
CA CYS B 25 35.68 -25.20 -2.52
C CYS B 25 34.94 -23.88 -2.41
N TYR B 26 35.68 -22.81 -2.12
CA TYR B 26 35.11 -21.49 -1.87
C TYR B 26 35.49 -20.57 -3.03
N VAL B 27 34.50 -20.19 -3.83
CA VAL B 27 34.68 -19.21 -4.90
C VAL B 27 34.11 -17.89 -4.43
N SER B 28 34.81 -16.80 -4.72
CA SER B 28 34.42 -15.50 -4.21
C SER B 28 35.03 -14.41 -5.09
N GLY B 29 34.51 -13.20 -4.94
CA GLY B 29 35.06 -12.05 -5.62
C GLY B 29 34.81 -11.98 -7.11
N PHE B 30 33.85 -12.75 -7.62
CA PHE B 30 33.59 -12.77 -9.05
C PHE B 30 32.33 -12.00 -9.41
N HIS B 31 32.24 -11.66 -10.69
CA HIS B 31 31.11 -10.92 -11.27
C HIS B 31 31.19 -11.04 -12.79
N PRO B 32 30.08 -11.38 -13.47
CA PRO B 32 28.72 -11.58 -12.96
C PRO B 32 28.50 -12.87 -12.20
N SER B 33 27.23 -13.22 -11.99
CA SER B 33 26.87 -14.30 -11.08
C SER B 33 27.01 -15.68 -11.69
N ASP B 34 26.88 -15.80 -13.01
CA ASP B 34 26.94 -17.11 -13.66
C ASP B 34 28.33 -17.70 -13.52
N ILE B 35 28.42 -18.90 -12.93
CA ILE B 35 29.70 -19.57 -12.71
C ILE B 35 29.44 -21.07 -12.64
N GLU B 36 30.43 -21.85 -13.07
CA GLU B 36 30.36 -23.30 -13.05
C GLU B 36 31.46 -23.84 -12.15
N VAL B 37 31.10 -24.72 -11.22
CA VAL B 37 32.02 -25.29 -10.25
C VAL B 37 31.80 -26.78 -10.18
N ASP B 38 32.89 -27.56 -10.23
CA ASP B 38 32.85 -28.99 -10.09
C ASP B 38 33.98 -29.45 -9.19
N LEU B 39 33.69 -30.41 -8.31
CA LEU B 39 34.70 -31.01 -7.46
C LEU B 39 35.25 -32.27 -8.10
N LEU B 40 36.54 -32.51 -7.92
CA LEU B 40 37.24 -33.59 -8.61
C LEU B 40 37.91 -34.52 -7.62
N LYS B 41 37.80 -35.83 -7.89
CA LYS B 41 38.51 -36.87 -7.14
C LYS B 41 39.49 -37.51 -8.12
N ASN B 42 40.77 -37.13 -8.01
CA ASN B 42 41.84 -37.59 -8.89
C ASN B 42 41.57 -37.25 -10.36
N GLY B 43 40.75 -36.24 -10.62
CA GLY B 43 40.43 -35.82 -11.96
C GLY B 43 39.00 -36.09 -12.38
N GLU B 44 38.33 -37.04 -11.74
CA GLU B 44 36.96 -37.39 -12.09
C GLU B 44 35.98 -36.48 -11.35
N ARG B 45 34.92 -36.08 -12.04
CA ARG B 45 33.93 -35.19 -11.46
C ARG B 45 33.19 -35.88 -10.32
N ILE B 46 33.31 -35.32 -9.12
CA ILE B 46 32.60 -35.88 -7.96
C ILE B 46 31.11 -35.62 -8.13
N GLU B 47 30.32 -36.68 -8.11
CA GLU B 47 28.88 -36.57 -8.28
C GLU B 47 28.22 -36.17 -6.98
N LYS B 48 27.06 -35.52 -7.09
CA LYS B 48 26.26 -35.08 -5.96
C LYS B 48 27.06 -34.17 -5.02
N VAL B 49 27.26 -32.94 -5.50
CA VAL B 49 27.96 -31.91 -4.75
C VAL B 49 26.98 -30.76 -4.51
N GLU B 50 26.76 -30.43 -3.24
CA GLU B 50 25.86 -29.35 -2.89
C GLU B 50 26.60 -28.02 -2.85
N HIS B 51 25.83 -26.94 -2.74
CA HIS B 51 26.40 -25.60 -2.69
C HIS B 51 25.46 -24.70 -1.91
N SER B 52 26.02 -23.66 -1.32
CA SER B 52 25.25 -22.71 -0.52
C SER B 52 24.47 -21.78 -1.44
N ASP B 53 23.65 -20.92 -0.82
CA ASP B 53 22.87 -19.95 -1.60
C ASP B 53 23.78 -18.88 -2.16
N LEU B 54 23.26 -18.15 -3.15
CA LEU B 54 24.01 -17.10 -3.82
C LEU B 54 23.86 -15.80 -3.06
N SER B 55 24.99 -15.24 -2.62
CA SER B 55 25.01 -13.92 -2.02
C SER B 55 26.23 -13.18 -2.54
N PHE B 56 26.46 -11.99 -2.01
CA PHE B 56 27.57 -11.16 -2.47
C PHE B 56 28.13 -10.38 -1.29
N SER B 57 29.29 -9.78 -1.51
CA SER B 57 30.02 -9.06 -0.48
C SER B 57 29.74 -7.57 -0.59
N LYS B 58 30.39 -6.79 0.27
CA LYS B 58 30.16 -5.35 0.30
C LYS B 58 30.63 -4.67 -0.98
N ASP B 59 31.54 -5.29 -1.74
CA ASP B 59 31.99 -4.74 -3.01
C ASP B 59 31.16 -5.24 -4.18
N TRP B 60 30.01 -5.87 -3.91
CA TRP B 60 29.03 -6.40 -4.85
C TRP B 60 29.48 -7.68 -5.55
N SER B 61 30.69 -8.17 -5.28
CA SER B 61 31.13 -9.41 -5.90
C SER B 61 30.48 -10.61 -5.22
N PHE B 62 30.26 -11.67 -5.99
CA PHE B 62 29.53 -12.84 -5.52
C PHE B 62 30.48 -13.86 -4.91
N TYR B 63 29.89 -14.76 -4.11
CA TYR B 63 30.65 -15.86 -3.52
C TYR B 63 29.72 -17.05 -3.29
N LEU B 64 30.29 -18.25 -3.41
CA LEU B 64 29.56 -19.50 -3.21
C LEU B 64 30.48 -20.52 -2.54
N LEU B 65 29.87 -21.44 -1.80
CA LEU B 65 30.58 -22.53 -1.15
C LEU B 65 30.08 -23.85 -1.71
N TYR B 66 30.98 -24.62 -2.31
CA TYR B 66 30.67 -25.96 -2.80
C TYR B 66 31.31 -26.99 -1.88
N TYR B 67 30.51 -27.95 -1.42
CA TYR B 67 30.98 -28.91 -0.43
C TYR B 67 30.41 -30.29 -0.74
N THR B 68 31.10 -31.30 -0.23
CA THR B 68 30.65 -32.68 -0.33
C THR B 68 31.30 -33.48 0.78
N GLU B 69 30.67 -34.59 1.16
CA GLU B 69 31.26 -35.51 2.10
C GLU B 69 32.28 -36.39 1.40
N PHE B 70 33.41 -36.62 2.06
CA PHE B 70 34.47 -37.45 1.49
C PHE B 70 35.29 -38.04 2.63
N THR B 71 36.28 -38.85 2.27
CA THR B 71 37.16 -39.48 3.24
C THR B 71 38.60 -39.45 2.72
N PRO B 72 39.48 -38.66 3.34
CA PRO B 72 40.85 -38.54 2.83
C PRO B 72 41.66 -39.81 3.03
N THR B 73 42.65 -39.99 2.16
CA THR B 73 43.62 -41.07 2.26
C THR B 73 45.02 -40.50 2.09
N GLU B 74 46.01 -41.38 2.07
CA GLU B 74 47.39 -40.98 1.81
C GLU B 74 47.72 -40.95 0.33
N LYS B 75 46.75 -41.25 -0.55
CA LYS B 75 47.01 -41.31 -1.97
C LYS B 75 46.00 -40.51 -2.77
N ASP B 76 44.77 -40.39 -2.25
CA ASP B 76 43.72 -39.66 -2.96
C ASP B 76 44.10 -38.19 -3.10
N GLU B 77 43.95 -37.65 -4.31
CA GLU B 77 44.23 -36.26 -4.60
C GLU B 77 42.95 -35.59 -5.09
N TYR B 78 42.56 -34.52 -4.43
CA TYR B 78 41.33 -33.80 -4.75
C TYR B 78 41.65 -32.41 -5.29
N ALA B 79 40.69 -31.84 -6.01
CA ALA B 79 40.84 -30.51 -6.59
C ALA B 79 39.47 -29.94 -6.89
N CYS B 80 39.45 -28.67 -7.30
CA CYS B 80 38.23 -27.96 -7.63
C CYS B 80 38.34 -27.38 -9.04
N ARG B 81 37.27 -27.52 -9.82
CA ARG B 81 37.22 -27.02 -11.19
C ARG B 81 36.23 -25.87 -11.25
N VAL B 82 36.68 -24.72 -11.75
CA VAL B 82 35.87 -23.51 -11.81
C VAL B 82 36.00 -22.91 -13.20
N ASN B 83 34.86 -22.56 -13.80
CA ASN B 83 34.82 -21.86 -15.08
C ASN B 83 33.96 -20.61 -14.91
N HIS B 84 34.40 -19.52 -15.53
CA HIS B 84 33.69 -18.25 -15.41
C HIS B 84 33.88 -17.49 -16.72
N VAL B 85 33.02 -16.49 -16.93
CA VAL B 85 33.09 -15.68 -18.14
C VAL B 85 34.40 -14.90 -18.22
N THR B 86 35.16 -14.84 -17.13
CA THR B 86 36.47 -14.20 -17.11
C THR B 86 37.63 -15.16 -17.35
N LEU B 87 37.36 -16.46 -17.46
CA LEU B 87 38.39 -17.47 -17.62
C LEU B 87 38.31 -18.06 -19.03
N SER B 88 39.38 -17.89 -19.80
CA SER B 88 39.46 -18.53 -21.11
C SER B 88 39.39 -20.04 -20.97
N GLN B 89 40.33 -20.62 -20.23
CA GLN B 89 40.30 -22.03 -19.85
C GLN B 89 39.95 -22.16 -18.38
N PRO B 90 39.22 -23.20 -17.99
CA PRO B 90 38.86 -23.36 -16.57
C PRO B 90 40.09 -23.60 -15.71
N LYS B 91 40.10 -22.95 -14.54
CA LYS B 91 41.22 -23.05 -13.62
C LYS B 91 40.98 -24.18 -12.62
N ILE B 92 42.05 -24.92 -12.33
CA ILE B 92 42.01 -26.05 -11.39
C ILE B 92 42.91 -25.73 -10.21
N VAL B 93 42.40 -25.94 -9.01
CA VAL B 93 43.14 -25.70 -7.77
C VAL B 93 43.16 -27.00 -6.99
N LYS B 94 44.35 -27.56 -6.78
CA LYS B 94 44.49 -28.81 -6.05
C LYS B 94 44.41 -28.57 -4.54
N TRP B 95 43.96 -29.59 -3.82
CA TRP B 95 43.78 -29.48 -2.39
C TRP B 95 45.11 -29.71 -1.66
N ASP B 96 45.47 -28.76 -0.82
CA ASP B 96 46.63 -28.88 0.07
C ASP B 96 46.11 -28.89 1.50
N ARG B 97 46.44 -29.96 2.25
CA ARG B 97 45.94 -30.09 3.61
C ARG B 97 46.47 -29.02 4.55
N ASP B 98 47.56 -28.34 4.17
CA ASP B 98 48.14 -27.27 4.98
C ASP B 98 47.69 -25.89 4.52
N MET B 99 46.67 -25.81 3.67
CA MET B 99 46.19 -24.53 3.15
C MET B 99 44.68 -24.38 3.31
N GLN C 2 -15.91 -6.69 14.42
CA GLN C 2 -15.46 -6.56 13.03
C GLN C 2 -14.02 -6.07 12.96
N LYS C 3 -13.40 -6.19 11.79
CA LYS C 3 -11.98 -5.91 11.65
C LYS C 3 -11.68 -4.42 11.71
N VAL C 4 -12.63 -3.57 11.32
CA VAL C 4 -12.52 -2.13 11.46
C VAL C 4 -13.85 -1.64 12.00
N THR C 5 -13.83 -0.92 13.11
CA THR C 5 -15.03 -0.52 13.83
C THR C 5 -15.08 0.99 13.96
N GLN C 6 -16.13 1.60 13.41
CA GLN C 6 -16.42 3.02 13.62
C GLN C 6 -17.73 3.07 14.41
N ALA C 7 -17.60 3.22 15.74
CA ALA C 7 -18.74 3.08 16.63
C ALA C 7 -19.72 4.24 16.52
N GLN C 8 -19.28 5.40 16.05
CA GLN C 8 -20.18 6.54 15.86
C GLN C 8 -20.92 6.39 14.55
N SER C 9 -22.25 6.35 14.62
CA SER C 9 -23.05 6.29 13.40
C SER C 9 -23.26 7.68 12.80
N SER C 10 -23.52 8.67 13.65
CA SER C 10 -23.72 10.05 13.20
C SER C 10 -23.16 10.98 14.25
N VAL C 11 -22.57 12.08 13.81
CA VAL C 11 -21.99 13.08 14.70
C VAL C 11 -22.39 14.46 14.19
N SER C 12 -22.83 15.33 15.10
CA SER C 12 -23.11 16.72 14.79
C SER C 12 -22.18 17.61 15.60
N MET C 13 -21.74 18.71 14.99
CA MET C 13 -20.83 19.64 15.64
C MET C 13 -21.01 21.02 15.01
N PRO C 14 -21.02 22.08 15.81
CA PRO C 14 -21.17 23.43 15.24
C PRO C 14 -19.95 23.81 14.40
N VAL C 15 -20.20 24.74 13.47
CA VAL C 15 -19.12 25.28 12.66
C VAL C 15 -18.06 25.92 13.55
N ARG C 16 -16.82 25.97 13.04
CA ARG C 16 -15.64 26.57 13.66
C ARG C 16 -15.12 25.81 14.87
N LYS C 17 -15.77 24.74 15.28
CA LYS C 17 -15.32 23.94 16.41
C LYS C 17 -14.48 22.77 15.91
N ALA C 18 -14.26 21.77 16.78
CA ALA C 18 -13.46 20.60 16.44
C ALA C 18 -14.27 19.35 16.71
N VAL C 19 -13.90 18.26 16.04
CA VAL C 19 -14.58 16.99 16.20
C VAL C 19 -13.57 15.86 16.09
N THR C 20 -13.81 14.79 16.87
CA THR C 20 -12.96 13.61 16.86
C THR C 20 -13.79 12.41 16.46
N LEU C 21 -13.36 11.72 15.41
CA LEU C 21 -14.05 10.55 14.87
C LEU C 21 -13.24 9.30 15.20
N ASN C 22 -13.86 8.39 15.94
CA ASN C 22 -13.13 7.24 16.46
C ASN C 22 -13.03 6.14 15.41
N CYS C 23 -12.01 5.31 15.57
CA CYS C 23 -11.83 4.12 14.73
C CYS C 23 -11.00 3.10 15.50
N LEU C 24 -11.50 1.87 15.55
CA LEU C 24 -10.78 0.74 16.12
C LEU C 24 -10.58 -0.30 15.03
N TYR C 25 -9.46 -1.02 15.11
CA TYR C 25 -9.15 -2.04 14.12
C TYR C 25 -8.54 -3.26 14.79
N GLU C 26 -8.48 -4.35 14.04
CA GLU C 26 -7.86 -5.59 14.48
C GLU C 26 -7.03 -6.15 13.34
N THR C 27 -5.82 -6.60 13.66
CA THR C 27 -4.91 -7.15 12.67
C THR C 27 -3.79 -7.91 13.38
N SER C 28 -3.25 -8.91 12.69
CA SER C 28 -2.05 -9.61 13.15
C SER C 28 -0.85 -9.28 12.28
N TRP C 29 -1.00 -8.35 11.34
CA TRP C 29 0.13 -7.92 10.52
C TRP C 29 1.07 -7.05 11.34
N TRP C 30 2.38 -7.20 11.10
CA TRP C 30 3.37 -6.35 11.72
C TRP C 30 3.49 -5.00 11.03
N SER C 31 2.94 -4.85 9.83
CA SER C 31 3.02 -3.62 9.05
C SER C 31 1.67 -3.34 8.43
N TYR C 32 1.20 -2.10 8.54
CA TYR C 32 -0.08 -1.71 7.98
C TYR C 32 -0.18 -0.19 7.97
N TYR C 33 -1.16 0.30 7.25
CA TYR C 33 -1.53 1.71 7.25
C TYR C 33 -3.02 1.82 7.59
N ILE C 34 -3.37 2.93 8.23
CA ILE C 34 -4.76 3.35 8.38
C ILE C 34 -4.96 4.57 7.49
N PHE C 35 -6.08 4.60 6.77
CA PHE C 35 -6.44 5.71 5.91
C PHE C 35 -7.80 6.26 6.29
N TRP C 36 -7.93 7.58 6.28
CA TRP C 36 -9.22 8.24 6.44
C TRP C 36 -9.64 8.84 5.11
N TYR C 37 -10.87 8.54 4.69
CA TYR C 37 -11.47 9.12 3.50
C TYR C 37 -12.80 9.78 3.89
N LYS C 38 -13.21 10.76 3.11
CA LYS C 38 -14.57 11.26 3.21
C LYS C 38 -15.29 11.02 1.90
N GLN C 39 -16.60 10.78 2.00
CA GLN C 39 -17.43 10.49 0.84
C GLN C 39 -18.51 11.55 0.70
N LEU C 40 -18.63 12.11 -0.49
CA LEU C 40 -19.61 13.13 -0.81
C LEU C 40 -20.92 12.48 -1.25
N PRO C 41 -22.03 13.22 -1.22
CA PRO C 41 -23.30 12.63 -1.68
C PRO C 41 -23.25 12.12 -3.11
N SER C 42 -22.34 12.63 -3.93
CA SER C 42 -22.12 12.12 -5.29
C SER C 42 -21.49 10.73 -5.29
N LYS C 43 -21.08 10.22 -4.13
CA LYS C 43 -20.33 8.98 -3.86
C LYS C 43 -18.84 9.15 -4.10
N GLU C 44 -18.36 10.34 -4.46
CA GLU C 44 -16.93 10.56 -4.63
C GLU C 44 -16.17 10.33 -3.33
N MET C 45 -15.05 9.63 -3.42
CA MET C 45 -14.18 9.35 -2.28
C MET C 45 -12.99 10.29 -2.30
N ILE C 46 -12.72 10.94 -1.17
CA ILE C 46 -11.66 11.95 -1.05
C ILE C 46 -10.70 11.51 0.04
N PHE C 47 -9.42 11.37 -0.31
CA PHE C 47 -8.42 11.00 0.68
C PHE C 47 -8.11 12.18 1.60
N LEU C 48 -8.01 11.88 2.89
CA LEU C 48 -7.76 12.88 3.92
C LEU C 48 -6.38 12.76 4.54
N ILE C 49 -6.06 11.61 5.13
CA ILE C 49 -4.83 11.46 5.91
C ILE C 49 -4.54 9.98 6.08
N ARG C 50 -3.25 9.65 6.22
CA ARG C 50 -2.80 8.28 6.37
CA ARG C 50 -2.77 8.28 6.36
C ARG C 50 -1.99 8.14 7.66
N GLN C 51 -2.01 6.95 8.23
CA GLN C 51 -1.28 6.67 9.48
C GLN C 51 -0.56 5.34 9.32
N GLY C 52 0.78 5.38 9.23
CA GLY C 52 1.55 4.16 9.17
C GLY C 52 1.78 3.55 10.54
N SER C 53 1.80 2.22 10.57
CA SER C 53 2.02 1.50 11.83
C SER C 53 3.39 1.77 12.42
N ASP C 54 4.36 2.17 11.60
CA ASP C 54 5.71 2.47 12.07
C ASP C 54 5.99 3.96 12.18
N GLU C 55 4.95 4.80 12.10
CA GLU C 55 5.10 6.24 12.06
C GLU C 55 4.54 6.90 13.32
N GLN C 56 5.01 8.11 13.59
CA GLN C 56 4.46 8.93 14.64
C GLN C 56 3.07 9.43 14.22
N ASN C 57 2.38 10.09 15.17
CA ASN C 57 1.04 10.60 14.92
C ASN C 57 1.00 11.46 13.67
N ALA C 58 0.08 11.13 12.76
CA ALA C 58 -0.03 11.86 11.52
C ALA C 58 -0.71 13.21 11.73
N LYS C 59 -0.30 14.19 10.94
CA LYS C 59 -0.93 15.50 10.94
C LYS C 59 -0.82 16.08 9.54
N SER C 60 -1.94 16.60 9.03
CA SER C 60 -1.98 17.15 7.68
C SER C 60 -3.04 18.25 7.67
N GLY C 61 -2.60 19.49 7.80
CA GLY C 61 -3.54 20.61 7.79
C GLY C 61 -4.46 20.56 9.00
N ARG C 62 -5.76 20.58 8.74
CA ARG C 62 -6.75 20.54 9.81
C ARG C 62 -7.02 19.11 10.30
N TYR C 63 -6.41 18.10 9.68
CA TYR C 63 -6.59 16.71 10.08
C TYR C 63 -5.41 16.25 10.92
N SER C 64 -5.71 15.49 11.98
CA SER C 64 -4.67 14.88 12.80
C SER C 64 -5.17 13.54 13.29
N VAL C 65 -4.22 12.61 13.48
CA VAL C 65 -4.53 11.25 13.91
C VAL C 65 -3.89 11.00 15.27
N ASN C 66 -4.68 10.50 16.21
CA ASN C 66 -4.18 10.09 17.53
C ASN C 66 -3.98 8.58 17.47
N PHE C 67 -2.76 8.17 17.13
CA PHE C 67 -2.45 6.76 16.91
C PHE C 67 -2.04 6.12 18.23
N LYS C 68 -2.90 5.26 18.75
CA LYS C 68 -2.64 4.47 19.96
C LYS C 68 -2.44 3.03 19.50
N LYS C 69 -1.19 2.68 19.18
CA LYS C 69 -0.92 1.42 18.50
C LYS C 69 -1.27 0.23 19.38
N ALA C 70 -0.93 0.28 20.68
CA ALA C 70 -1.20 -0.85 21.55
C ALA C 70 -2.69 -1.12 21.65
N ALA C 71 -3.50 -0.08 21.74
CA ALA C 71 -4.96 -0.24 21.78
C ALA C 71 -5.57 -0.42 20.39
N LYS C 72 -4.77 -0.32 19.33
CA LYS C 72 -5.26 -0.36 17.95
C LYS C 72 -6.43 0.60 17.77
N SER C 73 -6.18 1.86 18.15
CA SER C 73 -7.14 2.95 18.02
C SER C 73 -6.50 4.07 17.21
N VAL C 74 -7.27 4.67 16.31
CA VAL C 74 -6.69 5.59 15.33
C VAL C 74 -7.67 6.71 15.02
N ALA C 75 -8.07 7.45 16.05
CA ALA C 75 -9.10 8.46 15.92
C ALA C 75 -8.63 9.66 15.10
N LEU C 76 -9.52 10.17 14.24
CA LEU C 76 -9.27 11.35 13.43
C LEU C 76 -9.91 12.57 14.08
N THR C 77 -9.12 13.65 14.23
CA THR C 77 -9.63 14.91 14.72
C THR C 77 -9.58 15.95 13.62
N ILE C 78 -10.70 16.63 13.40
CA ILE C 78 -10.82 17.72 12.44
C ILE C 78 -11.05 19.00 13.23
N SER C 79 -10.12 19.93 13.13
CA SER C 79 -10.23 21.21 13.82
C SER C 79 -10.76 22.27 12.86
N ALA C 80 -11.27 23.36 13.46
CA ALA C 80 -11.75 24.53 12.71
C ALA C 80 -12.75 24.12 11.63
N LEU C 81 -13.82 23.47 12.07
CA LEU C 81 -14.77 22.84 11.15
C LEU C 81 -15.46 23.87 10.26
N GLN C 82 -15.61 23.49 8.99
CA GLN C 82 -16.34 24.26 8.00
C GLN C 82 -17.58 23.50 7.57
N LEU C 83 -18.54 24.23 6.98
CA LEU C 83 -19.75 23.58 6.46
C LEU C 83 -19.41 22.54 5.41
N GLU C 84 -18.35 22.77 4.63
CA GLU C 84 -17.91 21.84 3.60
C GLU C 84 -17.42 20.52 4.19
N ASP C 85 -17.16 20.45 5.50
CA ASP C 85 -16.71 19.21 6.11
C ASP C 85 -17.84 18.20 6.31
N SER C 86 -19.10 18.61 6.14
CA SER C 86 -20.21 17.68 6.22
C SER C 86 -20.07 16.61 5.14
N ALA C 87 -20.01 15.35 5.57
CA ALA C 87 -19.77 14.21 4.69
C ALA C 87 -19.81 12.92 5.50
N LYS C 88 -19.65 11.79 4.84
CA LYS C 88 -19.49 10.51 5.54
C LYS C 88 -18.01 10.13 5.55
N TYR C 89 -17.48 9.89 6.73
CA TYR C 89 -16.05 9.67 6.93
C TYR C 89 -15.77 8.20 7.17
N PHE C 90 -14.82 7.64 6.41
CA PHE C 90 -14.51 6.22 6.46
C PHE C 90 -13.10 6.00 6.94
N CYS C 91 -12.95 5.07 7.87
CA CYS C 91 -11.66 4.57 8.33
C CYS C 91 -11.37 3.25 7.64
N ALA C 92 -10.18 3.12 7.07
CA ALA C 92 -9.82 1.96 6.27
C ALA C 92 -8.46 1.43 6.68
N LEU C 93 -8.37 0.11 6.79
CA LEU C 93 -7.15 -0.57 7.18
C LEU C 93 -6.53 -1.21 5.94
N GLY C 94 -5.26 -0.89 5.68
CA GLY C 94 -4.53 -1.53 4.60
C GLY C 94 -3.35 -2.29 5.14
N GLU C 95 -3.44 -3.62 5.13
CA GLU C 95 -2.46 -4.48 5.78
C GLU C 95 -1.36 -4.91 4.81
N GLY C 96 -0.14 -4.94 5.32
CA GLY C 96 0.98 -5.57 4.63
C GLY C 96 1.28 -4.92 3.31
N GLY C 97 1.69 -5.75 2.34
CA GLY C 97 2.04 -5.26 1.03
C GLY C 97 0.85 -5.04 0.12
N ALA C 98 -0.13 -5.94 0.20
CA ALA C 98 -1.24 -5.90 -0.76
C ALA C 98 -2.13 -4.69 -0.57
N GLN C 99 -2.31 -4.23 0.67
CA GLN C 99 -3.16 -3.06 0.96
C GLN C 99 -4.60 -3.29 0.51
N LYS C 100 -5.10 -4.51 0.70
CA LYS C 100 -6.50 -4.81 0.42
C LYS C 100 -7.35 -4.17 1.52
N LEU C 101 -7.91 -3.00 1.22
CA LEU C 101 -8.50 -2.17 2.27
C LEU C 101 -9.73 -2.82 2.88
N VAL C 102 -9.79 -2.78 4.21
CA VAL C 102 -10.98 -3.16 4.96
C VAL C 102 -11.54 -1.89 5.57
N PHE C 103 -12.80 -1.60 5.26
CA PHE C 103 -13.44 -0.34 5.62
C PHE C 103 -14.33 -0.50 6.84
N GLY C 104 -14.33 0.51 7.70
CA GLY C 104 -15.40 0.64 8.67
C GLY C 104 -16.69 1.01 7.98
N GLN C 105 -17.78 1.03 8.76
CA GLN C 105 -19.08 1.39 8.21
C GLN C 105 -19.26 2.88 8.00
N GLY C 106 -18.29 3.71 8.37
CA GLY C 106 -18.38 5.13 8.16
C GLY C 106 -19.17 5.84 9.23
N THR C 107 -18.95 7.16 9.31
CA THR C 107 -19.61 8.02 10.28
C THR C 107 -20.07 9.29 9.56
N ARG C 108 -21.38 9.54 9.59
CA ARG C 108 -21.93 10.73 8.96
C ARG C 108 -21.67 11.94 9.85
N LEU C 109 -20.93 12.91 9.33
CA LEU C 109 -20.62 14.13 10.05
C LEU C 109 -21.45 15.27 9.49
N THR C 110 -22.21 15.94 10.36
CA THR C 110 -23.03 17.09 9.99
C THR C 110 -22.51 18.30 10.74
N ILE C 111 -22.05 19.30 10.00
CA ILE C 111 -21.58 20.56 10.58
C ILE C 111 -22.74 21.54 10.55
N ASN C 112 -23.14 22.00 11.72
CA ASN C 112 -24.32 22.86 11.80
C ASN C 112 -23.91 24.33 11.66
N PRO C 113 -24.60 25.09 10.81
CA PRO C 113 -24.26 26.51 10.68
C PRO C 113 -24.65 27.28 11.93
N ASN C 114 -24.07 28.47 12.07
CA ASN C 114 -24.42 29.37 13.16
C ASN C 114 -25.49 30.32 12.64
N ILE C 115 -26.75 29.97 12.88
CA ILE C 115 -27.90 30.77 12.42
C ILE C 115 -27.95 32.04 13.28
N GLN C 116 -27.56 33.17 12.70
CA GLN C 116 -27.36 34.38 13.50
C GLN C 116 -28.70 35.00 13.91
N ASN C 117 -29.68 35.00 13.01
CA ASN C 117 -30.96 35.65 13.25
C ASN C 117 -32.08 34.68 12.90
N PRO C 118 -32.36 33.72 13.79
CA PRO C 118 -33.40 32.73 13.47
C PRO C 118 -34.76 33.36 13.31
N ASP C 119 -35.51 32.85 12.35
CA ASP C 119 -36.84 33.32 12.00
C ASP C 119 -37.68 32.11 11.56
N PRO C 120 -37.88 31.13 12.44
CA PRO C 120 -38.53 29.88 12.01
C PRO C 120 -39.93 30.15 11.47
N ALA C 121 -40.24 29.52 10.33
CA ALA C 121 -41.51 29.78 9.66
C ALA C 121 -41.83 28.64 8.73
N VAL C 122 -43.13 28.42 8.50
CA VAL C 122 -43.62 27.44 7.55
C VAL C 122 -44.41 28.18 6.48
N TYR C 123 -43.95 28.09 5.23
CA TYR C 123 -44.56 28.80 4.12
C TYR C 123 -45.17 27.82 3.14
N GLN C 124 -46.32 28.19 2.56
CA GLN C 124 -46.90 27.42 1.48
C GLN C 124 -46.45 28.02 0.15
N LEU C 125 -45.80 27.20 -0.68
CA LEU C 125 -45.38 27.70 -1.99
C LEU C 125 -46.55 27.66 -2.96
N ARG C 126 -46.37 28.34 -4.10
CA ARG C 126 -47.44 28.43 -5.08
C ARG C 126 -47.60 27.10 -5.81
N ASP C 127 -48.86 26.69 -6.00
CA ASP C 127 -49.14 25.43 -6.69
C ASP C 127 -48.65 25.48 -8.12
N SER C 128 -48.12 24.35 -8.59
CA SER C 128 -47.72 24.19 -9.98
C SER C 128 -48.90 23.67 -10.79
N LYS C 129 -49.20 24.35 -11.91
CA LYS C 129 -50.25 23.86 -12.79
C LYS C 129 -49.90 22.52 -13.42
N SER C 130 -48.61 22.15 -13.40
CA SER C 130 -48.14 20.88 -13.94
C SER C 130 -48.16 19.76 -12.90
N SER C 131 -48.46 20.06 -11.64
CA SER C 131 -48.38 19.09 -10.56
C SER C 131 -49.65 19.13 -9.72
N ASP C 132 -49.96 18.01 -9.09
CA ASP C 132 -51.07 17.90 -8.16
C ASP C 132 -50.62 18.02 -6.70
N LYS C 133 -49.36 18.32 -6.46
CA LYS C 133 -48.83 18.35 -5.10
C LYS C 133 -48.89 19.76 -4.52
N SER C 134 -49.14 19.82 -3.22
CA SER C 134 -49.03 21.05 -2.44
CA SER C 134 -49.03 21.05 -2.44
C SER C 134 -47.75 20.98 -1.63
N VAL C 135 -46.98 22.07 -1.64
CA VAL C 135 -45.63 22.09 -1.07
C VAL C 135 -45.57 23.11 0.06
N CYS C 136 -45.02 22.68 1.21
CA CYS C 136 -44.79 23.54 2.36
C CYS C 136 -43.30 23.59 2.67
N LEU C 137 -42.81 24.76 3.07
CA LEU C 137 -41.40 24.97 3.34
C LEU C 137 -41.22 25.42 4.78
N PHE C 138 -40.53 24.60 5.58
CA PHE C 138 -40.11 24.95 6.93
C PHE C 138 -38.69 25.49 6.84
N THR C 139 -38.47 26.74 7.26
CA THR C 139 -37.19 27.36 6.97
C THR C 139 -36.80 28.34 8.07
N ASP C 140 -35.51 28.69 8.07
CA ASP C 140 -34.93 29.75 8.89
C ASP C 140 -34.94 29.41 10.38
N PHE C 141 -35.05 28.13 10.71
CA PHE C 141 -34.96 27.71 12.11
C PHE C 141 -33.50 27.52 12.50
N ASP C 142 -33.26 27.58 13.80
CA ASP C 142 -31.94 27.35 14.37
C ASP C 142 -31.52 25.90 14.17
N SER C 143 -30.20 25.67 14.21
CA SER C 143 -29.68 24.33 13.98
C SER C 143 -30.01 23.34 15.11
N GLN C 144 -30.54 23.83 16.23
CA GLN C 144 -30.99 22.94 17.30
C GLN C 144 -32.25 22.18 16.94
N THR C 145 -32.95 22.58 15.87
CA THR C 145 -34.21 21.97 15.49
C THR C 145 -33.96 20.75 14.60
N ASN C 146 -34.59 19.63 14.93
CA ASN C 146 -34.54 18.42 14.13
C ASN C 146 -35.88 18.19 13.44
N VAL C 147 -35.82 17.64 12.23
CA VAL C 147 -36.99 17.39 11.41
C VAL C 147 -37.26 15.89 11.40
N SER C 148 -38.49 15.51 11.77
CA SER C 148 -38.90 14.12 11.79
C SER C 148 -39.75 13.79 10.56
N GLN C 149 -39.73 12.53 10.17
CA GLN C 149 -40.58 12.07 9.08
C GLN C 149 -42.05 12.15 9.50
N SER C 150 -42.94 12.19 8.50
CA SER C 150 -44.36 12.32 8.78
C SER C 150 -44.95 10.99 9.23
N LYS C 151 -46.05 11.08 9.98
CA LYS C 151 -46.82 9.91 10.36
C LYS C 151 -47.85 9.52 9.31
N ASP C 152 -48.14 10.41 8.36
CA ASP C 152 -49.05 10.11 7.27
C ASP C 152 -48.28 9.52 6.11
N SER C 153 -48.77 8.42 5.56
CA SER C 153 -48.09 7.74 4.47
C SER C 153 -48.13 8.55 3.18
N ASP C 154 -49.11 9.43 3.01
CA ASP C 154 -49.24 10.24 1.82
C ASP C 154 -48.57 11.61 1.94
N VAL C 155 -47.85 11.85 3.03
CA VAL C 155 -47.14 13.11 3.23
C VAL C 155 -45.65 12.81 3.30
N TYR C 156 -44.87 13.44 2.43
CA TYR C 156 -43.44 13.22 2.33
C TYR C 156 -42.69 14.42 2.89
N ILE C 157 -41.71 14.16 3.74
CA ILE C 157 -40.94 15.20 4.41
C ILE C 157 -39.45 14.89 4.26
N THR C 158 -38.68 15.88 3.81
CA THR C 158 -37.24 15.73 3.65
C THR C 158 -36.51 16.35 4.84
N ASP C 159 -35.33 15.82 5.12
CA ASP C 159 -34.54 16.27 6.26
C ASP C 159 -34.05 17.71 6.03
N LYS C 160 -33.55 18.33 7.10
CA LYS C 160 -33.11 19.70 7.01
C LYS C 160 -31.87 19.82 6.11
N CYS C 161 -31.77 20.95 5.43
N CYS C 161 -31.70 21.00 5.53
CA CYS C 161 -30.79 21.21 4.38
CA CYS C 161 -30.78 21.19 4.43
C CYS C 161 -30.25 22.61 4.60
C CYS C 161 -30.26 22.62 4.45
N VAL C 162 -28.94 22.77 4.51
CA VAL C 162 -28.29 24.07 4.71
C VAL C 162 -27.93 24.68 3.36
N LEU C 163 -28.44 25.88 3.09
CA LEU C 163 -28.02 26.64 1.92
C LEU C 163 -27.24 27.88 2.35
N ASP C 164 -26.37 28.34 1.47
CA ASP C 164 -25.45 29.45 1.75
C ASP C 164 -25.59 30.45 0.61
N MET C 165 -26.25 31.58 0.89
CA MET C 165 -26.31 32.68 -0.08
C MET C 165 -25.01 33.46 0.07
N ARG C 166 -24.02 33.08 -0.74
CA ARG C 166 -22.65 33.50 -0.49
C ARG C 166 -22.48 35.01 -0.57
N SER C 167 -23.10 35.65 -1.56
CA SER C 167 -22.92 37.09 -1.73
C SER C 167 -23.53 37.89 -0.57
N MET C 168 -24.47 37.31 0.16
CA MET C 168 -25.07 37.97 1.31
C MET C 168 -24.53 37.48 2.65
N ASP C 169 -23.56 36.56 2.63
CA ASP C 169 -23.04 35.94 3.85
C ASP C 169 -24.17 35.44 4.74
N PHE C 170 -25.10 34.72 4.11
CA PHE C 170 -26.34 34.30 4.76
C PHE C 170 -26.50 32.80 4.62
N LYS C 171 -26.70 32.12 5.76
CA LYS C 171 -26.98 30.69 5.78
C LYS C 171 -28.37 30.46 6.36
N SER C 172 -29.07 29.45 5.83
CA SER C 172 -30.38 29.11 6.37
C SER C 172 -30.63 27.61 6.22
N ASN C 173 -31.33 27.05 7.21
CA ASN C 173 -31.82 25.68 7.19
C ASN C 173 -33.21 25.65 6.60
N SER C 174 -33.56 24.53 5.94
CA SER C 174 -34.92 24.36 5.48
C SER C 174 -35.23 22.87 5.33
N ALA C 175 -36.53 22.55 5.39
CA ALA C 175 -37.03 21.22 5.10
C ALA C 175 -38.33 21.35 4.31
N VAL C 176 -38.59 20.37 3.44
CA VAL C 176 -39.72 20.42 2.52
C VAL C 176 -40.72 19.34 2.89
N ALA C 177 -42.00 19.67 2.81
CA ALA C 177 -43.08 18.71 2.99
C ALA C 177 -44.09 18.87 1.86
N TRP C 178 -44.57 17.75 1.32
CA TRP C 178 -45.53 17.82 0.24
C TRP C 178 -46.47 16.63 0.28
N SER C 179 -47.62 16.80 -0.35
CA SER C 179 -48.68 15.80 -0.44
C SER C 179 -49.69 16.29 -1.46
N ASN C 180 -50.44 15.34 -2.03
CA ASN C 180 -51.48 15.65 -2.99
C ASN C 180 -52.88 15.47 -2.42
N LYS C 181 -52.99 15.29 -1.10
CA LYS C 181 -54.30 15.12 -0.46
C LYS C 181 -54.94 16.47 -0.18
N SER C 182 -56.27 16.50 -0.27
CA SER C 182 -57.00 17.72 0.04
C SER C 182 -57.01 18.04 1.52
N ASP C 183 -56.74 17.04 2.38
CA ASP C 183 -56.65 17.25 3.81
C ASP C 183 -55.27 17.73 4.26
N PHE C 184 -54.39 18.07 3.31
CA PHE C 184 -53.03 18.47 3.63
C PHE C 184 -52.96 19.98 3.79
N ALA C 185 -52.34 20.44 4.88
CA ALA C 185 -52.18 21.85 5.15
C ALA C 185 -50.84 22.09 5.83
N CYS C 186 -50.22 23.23 5.52
CA CYS C 186 -48.92 23.53 6.10
C CYS C 186 -49.00 23.74 7.61
N ALA C 187 -50.17 24.09 8.13
CA ALA C 187 -50.31 24.26 9.57
C ALA C 187 -50.06 22.98 10.34
N ASN C 188 -50.22 21.81 9.69
CA ASN C 188 -50.02 20.52 10.33
C ASN C 188 -48.98 19.67 9.62
N ALA C 189 -48.29 20.22 8.61
CA ALA C 189 -47.34 19.42 7.84
C ALA C 189 -46.23 18.87 8.72
N PHE C 190 -45.71 19.67 9.64
CA PHE C 190 -44.59 19.29 10.50
C PHE C 190 -45.05 19.00 11.93
N ASN C 191 -46.29 18.53 12.10
CA ASN C 191 -46.81 18.26 13.44
C ASN C 191 -46.03 17.16 14.15
N ASN C 192 -45.40 16.26 13.40
CA ASN C 192 -44.65 15.18 14.02
C ASN C 192 -43.25 15.59 14.46
N SER C 193 -42.80 16.78 14.08
CA SER C 193 -41.52 17.32 14.52
C SER C 193 -41.71 18.24 15.72
N ILE C 194 -40.65 18.39 16.49
CA ILE C 194 -40.59 19.38 17.57
C ILE C 194 -40.04 20.66 16.95
N ILE C 195 -40.93 21.59 16.61
CA ILE C 195 -40.55 22.83 15.96
C ILE C 195 -40.55 23.96 16.99
N PRO C 196 -39.83 25.05 16.77
CA PRO C 196 -39.75 26.10 17.79
C PRO C 196 -41.14 26.68 18.08
N GLU C 197 -41.32 27.09 19.34
CA GLU C 197 -42.61 27.64 19.76
C GLU C 197 -42.94 28.92 19.02
N ASP C 198 -41.92 29.68 18.61
CA ASP C 198 -42.10 30.95 17.92
C ASP C 198 -42.19 30.79 16.41
N THR C 199 -42.42 29.57 15.91
CA THR C 199 -42.50 29.35 14.47
C THR C 199 -43.66 30.14 13.86
N PHE C 200 -43.38 30.82 12.76
CA PHE C 200 -44.33 31.72 12.12
C PHE C 200 -45.18 30.96 11.11
N PHE C 201 -46.50 31.04 11.28
CA PHE C 201 -47.47 30.47 10.34
C PHE C 201 -48.27 31.62 9.74
N PRO C 202 -47.98 32.04 8.50
CA PRO C 202 -48.66 33.21 7.94
C PRO C 202 -50.12 32.94 7.64
N SER C 203 -50.89 34.03 7.59
CA SER C 203 -52.32 33.98 7.33
C SER C 203 -52.60 33.43 5.93
N GLY D 1 -5.89 10.90 -13.51
CA GLY D 1 -6.45 10.20 -12.37
C GLY D 1 -7.08 8.87 -12.75
N VAL D 2 -8.11 8.48 -12.01
CA VAL D 2 -8.82 7.23 -12.22
C VAL D 2 -10.18 7.53 -12.84
N THR D 3 -10.47 6.90 -13.97
CA THR D 3 -11.75 7.09 -14.65
C THR D 3 -12.52 5.77 -14.67
N GLN D 4 -13.85 5.88 -14.72
CA GLN D 4 -14.75 4.73 -14.72
C GLN D 4 -15.93 4.98 -15.64
N THR D 5 -16.34 3.95 -16.35
CA THR D 5 -17.58 3.97 -17.12
C THR D 5 -18.26 2.61 -16.95
N PRO D 6 -19.60 2.58 -16.92
CA PRO D 6 -20.44 3.78 -16.95
C PRO D 6 -20.57 4.36 -15.54
N LYS D 7 -21.09 5.58 -15.43
CA LYS D 7 -21.32 6.17 -14.11
C LYS D 7 -22.54 5.58 -13.43
N PHE D 8 -23.56 5.22 -14.20
CA PHE D 8 -24.80 4.65 -13.70
C PHE D 8 -25.22 3.49 -14.59
N GLN D 9 -25.94 2.54 -14.00
CA GLN D 9 -26.41 1.39 -14.76
C GLN D 9 -27.56 0.71 -14.05
N VAL D 10 -28.63 0.41 -14.79
CA VAL D 10 -29.70 -0.45 -14.30
C VAL D 10 -29.68 -1.74 -15.13
N LEU D 11 -29.91 -2.86 -14.47
CA LEU D 11 -29.89 -4.16 -15.13
C LEU D 11 -31.10 -4.98 -14.68
N LYS D 12 -31.59 -5.82 -15.58
CA LYS D 12 -32.54 -6.83 -15.19
C LYS D 12 -31.79 -8.03 -14.63
N THR D 13 -32.41 -8.72 -13.67
CA THR D 13 -31.84 -9.94 -13.13
C THR D 13 -31.43 -10.89 -14.25
N GLY D 14 -30.18 -11.34 -14.22
CA GLY D 14 -29.65 -12.26 -15.20
C GLY D 14 -28.89 -11.62 -16.34
N GLN D 15 -28.91 -10.30 -16.46
CA GLN D 15 -28.17 -9.62 -17.52
C GLN D 15 -26.68 -9.58 -17.17
N SER D 16 -25.86 -9.49 -18.22
CA SER D 16 -24.42 -9.30 -18.08
C SER D 16 -24.09 -7.81 -18.22
N MET D 17 -22.97 -7.42 -17.64
CA MET D 17 -22.53 -6.03 -17.72
C MET D 17 -21.04 -5.96 -17.40
N THR D 18 -20.29 -5.24 -18.22
CA THR D 18 -18.86 -5.02 -18.00
C THR D 18 -18.61 -3.58 -17.59
N LEU D 19 -17.89 -3.40 -16.50
CA LEU D 19 -17.49 -2.10 -15.99
C LEU D 19 -16.04 -1.83 -16.37
N GLN D 20 -15.75 -0.61 -16.78
CA GLN D 20 -14.43 -0.25 -17.28
C GLN D 20 -13.76 0.74 -16.34
N CYS D 21 -12.44 0.61 -16.19
N CYS D 21 -12.44 0.67 -16.29
CA CYS D 21 -11.64 1.49 -15.36
CA CYS D 21 -11.72 1.61 -15.45
C CYS D 21 -10.31 1.75 -16.04
C CYS D 21 -10.30 1.75 -15.95
N ALA D 22 -9.77 2.96 -15.83
CA ALA D 22 -8.45 3.28 -16.35
C ALA D 22 -7.78 4.27 -15.42
N GLN D 23 -6.46 4.20 -15.34
CA GLN D 23 -5.67 5.14 -14.57
C GLN D 23 -4.45 5.52 -15.40
N ASP D 24 -4.13 6.81 -15.42
CA ASP D 24 -3.02 7.33 -16.21
C ASP D 24 -1.85 7.77 -15.34
N MET D 25 -1.71 7.21 -14.14
CA MET D 25 -0.70 7.65 -13.19
C MET D 25 0.52 6.74 -13.15
N ASN D 26 0.66 5.83 -14.12
CA ASN D 26 1.73 4.86 -14.19
C ASN D 26 1.71 3.89 -13.01
N HIS D 27 0.55 3.70 -12.38
CA HIS D 27 0.46 2.77 -11.27
C HIS D 27 0.44 1.33 -11.79
N ASN D 28 0.79 0.41 -10.89
CA ASN D 28 0.63 -1.02 -11.13
C ASN D 28 -0.50 -1.63 -10.32
N SER D 29 -0.57 -1.31 -9.03
CA SER D 29 -1.61 -1.86 -8.16
C SER D 29 -2.96 -1.22 -8.47
N MET D 30 -3.95 -2.05 -8.80
CA MET D 30 -5.31 -1.60 -9.06
C MET D 30 -6.30 -2.51 -8.35
N TYR D 31 -7.48 -1.98 -8.07
CA TYR D 31 -8.45 -2.64 -7.20
C TYR D 31 -9.86 -2.45 -7.74
N TRP D 32 -10.72 -3.44 -7.49
CA TRP D 32 -12.16 -3.30 -7.59
C TRP D 32 -12.76 -3.47 -6.20
N TYR D 33 -13.57 -2.50 -5.77
CA TYR D 33 -14.35 -2.56 -4.55
C TYR D 33 -15.82 -2.35 -4.87
N ARG D 34 -16.68 -2.76 -3.94
CA ARG D 34 -18.11 -2.45 -4.01
C ARG D 34 -18.59 -1.90 -2.68
N GLN D 35 -19.55 -0.99 -2.74
CA GLN D 35 -20.12 -0.35 -1.55
C GLN D 35 -21.63 -0.52 -1.57
N ASP D 36 -22.15 -1.30 -0.64
CA ASP D 36 -23.59 -1.36 -0.49
C ASP D 36 -24.09 -0.15 0.31
N PRO D 37 -25.33 0.28 0.08
CA PRO D 37 -25.80 1.51 0.74
C PRO D 37 -25.73 1.42 2.24
N GLY D 38 -25.23 2.49 2.87
CA GLY D 38 -25.04 2.53 4.30
C GLY D 38 -23.82 1.78 4.82
N MET D 39 -22.99 1.23 3.94
CA MET D 39 -21.86 0.40 4.32
C MET D 39 -20.55 1.03 3.85
N GLY D 40 -19.43 0.43 4.27
CA GLY D 40 -18.15 0.77 3.72
C GLY D 40 -17.88 -0.01 2.44
N LEU D 41 -16.71 0.24 1.86
CA LEU D 41 -16.29 -0.51 0.68
C LEU D 41 -15.77 -1.88 1.08
N ARG D 42 -15.96 -2.85 0.18
CA ARG D 42 -15.51 -4.22 0.34
C ARG D 42 -14.74 -4.63 -0.91
N LEU D 43 -13.58 -5.24 -0.74
CA LEU D 43 -12.74 -5.60 -1.87
C LEU D 43 -13.40 -6.68 -2.72
N ILE D 44 -13.34 -6.51 -4.04
CA ILE D 44 -13.69 -7.56 -4.99
C ILE D 44 -12.45 -8.26 -5.53
N TYR D 45 -11.49 -7.51 -6.05
CA TYR D 45 -10.26 -8.13 -6.55
C TYR D 45 -9.14 -7.12 -6.56
N TYR D 46 -7.93 -7.59 -6.27
CA TYR D 46 -6.71 -6.78 -6.31
C TYR D 46 -5.81 -7.29 -7.44
N SER D 47 -5.43 -6.40 -8.35
CA SER D 47 -4.55 -6.71 -9.46
C SER D 47 -3.23 -5.96 -9.26
N ALA D 48 -2.19 -6.68 -8.84
CA ALA D 48 -0.91 -6.04 -8.56
C ALA D 48 -0.20 -5.55 -9.82
N SER D 49 -0.53 -6.10 -11.00
CA SER D 49 0.09 -5.73 -12.27
C SER D 49 -0.63 -6.46 -13.39
N GLU D 50 -0.19 -6.20 -14.62
CA GLU D 50 -0.68 -6.97 -15.76
C GLU D 50 -0.42 -8.45 -15.54
N GLY D 51 -1.34 -9.29 -16.00
CA GLY D 51 -1.17 -10.72 -15.88
C GLY D 51 -2.51 -11.44 -15.90
N THR D 52 -2.42 -12.76 -15.79
CA THR D 52 -3.60 -13.60 -15.80
C THR D 52 -4.36 -13.50 -14.47
N THR D 53 -5.68 -13.43 -14.56
CA THR D 53 -6.52 -13.31 -13.38
C THR D 53 -6.54 -14.63 -12.61
N ASP D 54 -6.33 -14.56 -11.30
CA ASP D 54 -6.48 -15.70 -10.40
C ASP D 54 -7.96 -15.89 -10.14
N LYS D 55 -8.58 -16.85 -10.83
CA LYS D 55 -10.02 -17.07 -10.69
C LYS D 55 -10.41 -17.55 -9.30
N GLY D 56 -9.47 -18.16 -8.55
CA GLY D 56 -9.75 -18.57 -7.20
C GLY D 56 -9.92 -17.42 -6.22
N GLU D 57 -9.48 -16.23 -6.58
CA GLU D 57 -9.62 -15.05 -5.75
C GLU D 57 -10.71 -14.10 -6.23
N VAL D 58 -11.49 -14.51 -7.23
CA VAL D 58 -12.57 -13.69 -7.77
C VAL D 58 -13.89 -14.16 -7.16
N PRO D 59 -14.60 -13.30 -6.43
CA PRO D 59 -15.85 -13.73 -5.81
C PRO D 59 -16.87 -14.18 -6.86
N ASN D 60 -17.74 -15.09 -6.44
CA ASN D 60 -18.72 -15.66 -7.35
C ASN D 60 -19.57 -14.56 -7.98
N GLY D 61 -19.89 -14.74 -9.25
CA GLY D 61 -20.69 -13.79 -9.98
C GLY D 61 -19.93 -12.74 -10.75
N TYR D 62 -18.60 -12.70 -10.63
CA TYR D 62 -17.80 -11.68 -11.28
C TYR D 62 -16.69 -12.31 -12.12
N ASN D 63 -16.31 -11.60 -13.18
CA ASN D 63 -15.08 -11.86 -13.93
C ASN D 63 -14.27 -10.57 -13.93
N VAL D 64 -12.96 -10.69 -13.80
CA VAL D 64 -12.10 -9.51 -13.86
C VAL D 64 -10.99 -9.77 -14.88
N SER D 65 -10.57 -8.69 -15.54
CA SER D 65 -9.48 -8.78 -16.52
C SER D 65 -8.64 -7.52 -16.42
N ARG D 66 -7.34 -7.71 -16.25
CA ARG D 66 -6.37 -6.62 -16.34
C ARG D 66 -5.93 -6.56 -17.80
N LEU D 67 -6.46 -5.59 -18.54
CA LEU D 67 -6.25 -5.57 -19.99
C LEU D 67 -4.83 -5.12 -20.32
N ASN D 68 -4.32 -4.12 -19.60
CA ASN D 68 -2.97 -3.61 -19.76
C ASN D 68 -2.63 -2.83 -18.50
N LYS D 69 -1.55 -2.04 -18.55
CA LYS D 69 -1.13 -1.29 -17.38
C LYS D 69 -2.22 -0.33 -16.92
N ARG D 70 -2.91 0.31 -17.87
CA ARG D 70 -3.89 1.34 -17.54
C ARG D 70 -5.28 0.78 -17.25
N GLU D 71 -5.70 -0.27 -17.96
CA GLU D 71 -7.09 -0.63 -18.04
C GLU D 71 -7.40 -1.92 -17.27
N PHE D 72 -8.52 -1.89 -16.54
CA PHE D 72 -8.91 -2.92 -15.59
C PHE D 72 -10.43 -3.03 -15.69
N SER D 73 -10.95 -4.23 -15.93
CA SER D 73 -12.36 -4.42 -16.18
CA SER D 73 -12.36 -4.42 -16.18
C SER D 73 -12.98 -5.40 -15.18
N LEU D 74 -14.25 -5.18 -14.87
CA LEU D 74 -15.03 -6.01 -13.97
C LEU D 74 -16.35 -6.33 -14.65
N ARG D 75 -16.70 -7.61 -14.69
CA ARG D 75 -17.92 -8.06 -15.36
C ARG D 75 -18.83 -8.76 -14.36
N LEU D 76 -20.09 -8.36 -14.33
CA LEU D 76 -21.15 -9.13 -13.68
C LEU D 76 -21.68 -10.13 -14.70
N GLU D 77 -21.42 -11.42 -14.46
CA GLU D 77 -21.79 -12.41 -15.47
C GLU D 77 -23.29 -12.71 -15.47
N SER D 78 -23.98 -12.51 -14.35
CA SER D 78 -25.42 -12.79 -14.27
C SER D 78 -25.96 -11.97 -13.10
N ALA D 79 -26.44 -10.76 -13.41
CA ALA D 79 -26.80 -9.80 -12.38
C ALA D 79 -27.89 -10.33 -11.48
N ALA D 80 -27.70 -10.17 -10.17
CA ALA D 80 -28.63 -10.53 -9.12
C ALA D 80 -28.96 -9.29 -8.29
N PRO D 81 -30.15 -9.23 -7.70
CA PRO D 81 -30.50 -8.06 -6.87
C PRO D 81 -29.50 -7.76 -5.77
N SER D 82 -28.86 -8.77 -5.20
CA SER D 82 -27.87 -8.57 -4.15
C SER D 82 -26.62 -7.86 -4.65
N GLN D 83 -26.44 -7.77 -5.97
CA GLN D 83 -25.29 -7.09 -6.55
C GLN D 83 -25.55 -5.62 -6.81
N THR D 84 -26.71 -5.10 -6.40
CA THR D 84 -26.93 -3.66 -6.36
C THR D 84 -25.91 -3.02 -5.42
N SER D 85 -25.09 -2.13 -5.95
CA SER D 85 -23.96 -1.61 -5.18
C SER D 85 -23.34 -0.46 -5.97
N VAL D 86 -22.48 0.30 -5.30
CA VAL D 86 -21.61 1.26 -5.97
C VAL D 86 -20.25 0.60 -6.16
N TYR D 87 -19.86 0.39 -7.41
CA TYR D 87 -18.63 -0.31 -7.73
C TYR D 87 -17.52 0.72 -7.95
N PHE D 88 -16.48 0.64 -7.14
CA PHE D 88 -15.35 1.55 -7.20
C PHE D 88 -14.11 0.83 -7.68
N CYS D 89 -13.42 1.44 -8.64
N CYS D 89 -13.42 1.42 -8.64
CA CYS D 89 -12.06 1.08 -9.02
CA CYS D 89 -12.07 0.97 -8.90
C CYS D 89 -11.06 1.99 -8.32
C CYS D 89 -11.09 1.94 -8.26
N ALA D 90 -9.87 1.47 -8.05
CA ALA D 90 -8.85 2.27 -7.38
C ALA D 90 -7.48 1.86 -7.88
N SER D 91 -6.52 2.79 -7.75
CA SER D 91 -5.12 2.47 -8.04
C SER D 91 -4.23 3.21 -7.04
N ARG D 92 -2.98 2.76 -6.96
CA ARG D 92 -2.03 3.36 -6.04
C ARG D 92 -0.62 3.09 -6.53
N THR D 93 0.31 3.93 -6.10
CA THR D 93 1.71 3.58 -6.29
C THR D 93 2.15 2.61 -5.19
N ARG D 94 3.32 1.99 -5.40
CA ARG D 94 3.94 1.16 -4.39
C ARG D 94 5.29 1.75 -4.01
N GLY D 95 5.62 1.67 -2.73
CA GLY D 95 6.89 2.24 -2.30
C GLY D 95 6.74 3.68 -1.86
N GLY D 96 7.61 4.08 -0.94
CA GLY D 96 7.42 5.39 -0.34
C GLY D 96 6.24 5.37 0.60
N THR D 97 5.79 6.57 0.98
CA THR D 97 4.69 6.70 1.91
C THR D 97 3.39 7.19 1.29
N LEU D 98 3.41 7.68 0.06
CA LEU D 98 2.21 8.21 -0.57
C LEU D 98 1.42 7.12 -1.29
N ILE D 99 1.12 6.07 -0.54
CA ILE D 99 0.56 4.85 -1.11
C ILE D 99 -0.95 4.77 -0.93
N GLU D 100 -1.59 5.88 -0.60
CA GLU D 100 -3.04 5.88 -0.49
C GLU D 100 -3.67 5.62 -1.86
N GLN D 101 -4.84 4.99 -1.83
CA GLN D 101 -5.49 4.58 -3.08
C GLN D 101 -6.35 5.71 -3.63
N TYR D 102 -6.23 5.92 -4.95
CA TYR D 102 -7.04 6.87 -5.69
C TYR D 102 -8.28 6.16 -6.21
N PHE D 103 -9.46 6.67 -5.89
CA PHE D 103 -10.71 6.03 -6.30
C PHE D 103 -11.29 6.71 -7.53
N GLY D 104 -11.82 5.89 -8.45
CA GLY D 104 -12.60 6.39 -9.54
C GLY D 104 -13.93 6.93 -9.04
N PRO D 105 -14.70 7.57 -9.93
CA PRO D 105 -15.99 8.13 -9.52
C PRO D 105 -17.07 7.09 -9.25
N GLY D 106 -16.81 5.81 -9.48
CA GLY D 106 -17.74 4.76 -9.14
C GLY D 106 -18.80 4.54 -10.22
N THR D 107 -19.36 3.33 -10.21
CA THR D 107 -20.48 2.94 -11.05
C THR D 107 -21.64 2.58 -10.13
N ARG D 108 -22.70 3.38 -10.16
CA ARG D 108 -23.88 3.13 -9.34
C ARG D 108 -24.80 2.18 -10.11
N LEU D 109 -24.89 0.95 -9.63
CA LEU D 109 -25.53 -0.13 -10.37
C LEU D 109 -26.70 -0.70 -9.57
N THR D 110 -27.87 -0.75 -10.19
CA THR D 110 -29.07 -1.32 -9.59
C THR D 110 -29.54 -2.48 -10.44
N VAL D 111 -29.84 -3.61 -9.79
CA VAL D 111 -30.35 -4.80 -10.46
C VAL D 111 -31.78 -5.00 -10.00
N THR D 112 -32.72 -5.02 -10.95
CA THR D 112 -34.13 -5.14 -10.64
C THR D 112 -34.70 -6.37 -11.34
N GLU D 113 -35.74 -6.95 -10.73
CA GLU D 113 -36.32 -8.17 -11.27
C GLU D 113 -37.07 -7.95 -12.57
N ASP D 114 -37.52 -6.72 -12.83
CA ASP D 114 -38.29 -6.43 -14.03
C ASP D 114 -38.06 -4.97 -14.42
N LEU D 115 -37.73 -4.73 -15.68
CA LEU D 115 -37.49 -3.37 -16.14
C LEU D 115 -38.77 -2.53 -16.16
N LYS D 116 -39.94 -3.15 -15.97
CA LYS D 116 -41.16 -2.35 -15.77
C LYS D 116 -41.13 -1.58 -14.47
N ASN D 117 -40.15 -1.84 -13.59
CA ASN D 117 -39.97 -1.06 -12.37
C ASN D 117 -39.27 0.26 -12.61
N VAL D 118 -38.76 0.51 -13.81
CA VAL D 118 -37.96 1.68 -14.09
C VAL D 118 -38.87 2.83 -14.52
N PHE D 119 -38.74 3.97 -13.86
CA PHE D 119 -39.54 5.16 -14.14
C PHE D 119 -38.64 6.39 -14.10
N PRO D 120 -38.79 7.31 -15.04
CA PRO D 120 -38.09 8.58 -14.96
C PRO D 120 -38.76 9.46 -13.92
N PRO D 121 -38.08 10.50 -13.44
CA PRO D 121 -38.71 11.39 -12.48
C PRO D 121 -39.69 12.34 -13.13
N GLU D 122 -40.75 12.64 -12.40
CA GLU D 122 -41.56 13.81 -12.69
C GLU D 122 -40.93 14.99 -11.94
N VAL D 123 -40.72 16.09 -12.65
CA VAL D 123 -40.01 17.23 -12.11
C VAL D 123 -40.92 18.46 -12.19
N ALA D 124 -41.05 19.15 -11.07
CA ALA D 124 -41.89 20.34 -10.98
C ALA D 124 -41.20 21.37 -10.10
N VAL D 125 -41.35 22.64 -10.47
CA VAL D 125 -40.78 23.75 -9.71
C VAL D 125 -41.93 24.51 -9.08
N PHE D 126 -41.80 24.82 -7.79
CA PHE D 126 -42.82 25.53 -7.05
C PHE D 126 -42.30 26.92 -6.71
N GLU D 127 -43.08 27.93 -7.06
CA GLU D 127 -42.64 29.30 -6.99
C GLU D 127 -42.71 29.83 -5.55
N PRO D 128 -41.90 30.84 -5.24
CA PRO D 128 -41.78 31.29 -3.84
C PRO D 128 -43.09 31.77 -3.23
N SER D 129 -43.20 31.57 -1.92
CA SER D 129 -44.34 32.04 -1.16
C SER D 129 -44.33 33.55 -1.06
N GLU D 130 -45.50 34.17 -1.27
CA GLU D 130 -45.61 35.61 -1.08
C GLU D 130 -45.35 35.99 0.38
N ALA D 131 -45.74 35.13 1.31
CA ALA D 131 -45.50 35.42 2.72
C ALA D 131 -44.01 35.41 3.05
N GLU D 132 -43.24 34.50 2.44
CA GLU D 132 -41.80 34.51 2.66
C GLU D 132 -41.19 35.82 2.16
N ILE D 133 -41.62 36.29 0.99
CA ILE D 133 -41.05 37.50 0.40
C ILE D 133 -41.28 38.70 1.31
N SER D 134 -42.51 38.84 1.84
CA SER D 134 -42.80 40.00 2.68
C SER D 134 -42.17 39.88 4.06
N HIS D 135 -41.91 38.66 4.53
CA HIS D 135 -41.39 38.48 5.87
C HIS D 135 -39.86 38.53 5.92
N THR D 136 -39.18 38.13 4.84
CA THR D 136 -37.73 38.01 4.83
C THR D 136 -37.05 38.78 3.71
N GLN D 137 -37.78 39.25 2.70
CA GLN D 137 -37.22 39.83 1.47
C GLN D 137 -36.33 38.82 0.74
N LYS D 138 -36.57 37.54 0.94
CA LYS D 138 -35.94 36.47 0.19
C LYS D 138 -37.03 35.59 -0.42
N ALA D 139 -36.64 34.79 -1.41
CA ALA D 139 -37.57 33.99 -2.17
C ALA D 139 -36.96 32.62 -2.43
N THR D 140 -37.58 31.58 -1.90
CA THR D 140 -37.08 30.21 -2.03
C THR D 140 -37.94 29.47 -3.04
N LEU D 141 -37.30 29.02 -4.13
CA LEU D 141 -37.92 28.11 -5.07
C LEU D 141 -37.60 26.69 -4.65
N VAL D 142 -38.57 25.78 -4.83
CA VAL D 142 -38.40 24.38 -4.50
C VAL D 142 -38.59 23.56 -5.77
N CYS D 143 -37.69 22.61 -6.00
CA CYS D 143 -37.81 21.64 -7.07
C CYS D 143 -38.04 20.26 -6.47
N LEU D 144 -39.04 19.54 -6.99
CA LEU D 144 -39.33 18.17 -6.58
C LEU D 144 -39.16 17.27 -7.78
N ALA D 145 -38.33 16.23 -7.63
CA ALA D 145 -38.21 15.14 -8.59
C ALA D 145 -38.78 13.90 -7.92
N THR D 146 -39.86 13.36 -8.45
CA THR D 146 -40.61 12.32 -7.77
C THR D 146 -40.86 11.13 -8.69
N GLY D 147 -41.09 9.98 -8.06
CA GLY D 147 -41.50 8.79 -8.75
C GLY D 147 -40.46 8.13 -9.63
N PHE D 148 -39.17 8.33 -9.36
CA PHE D 148 -38.17 7.74 -10.22
C PHE D 148 -37.59 6.47 -9.61
N TYR D 149 -37.15 5.57 -10.49
CA TYR D 149 -36.45 4.34 -10.13
C TYR D 149 -35.62 3.91 -11.33
N PRO D 150 -34.34 3.53 -11.15
CA PRO D 150 -33.64 3.48 -9.87
C PRO D 150 -33.28 4.87 -9.34
N ASP D 151 -32.59 4.94 -8.21
CA ASP D 151 -32.23 6.22 -7.61
C ASP D 151 -30.98 6.79 -8.27
N HIS D 152 -31.04 6.94 -9.60
CA HIS D 152 -29.91 7.35 -10.42
C HIS D 152 -30.26 8.68 -11.09
N VAL D 153 -30.12 9.78 -10.33
CA VAL D 153 -30.43 11.11 -10.83
C VAL D 153 -29.32 12.07 -10.43
N GLU D 154 -29.19 13.14 -11.22
CA GLU D 154 -28.32 14.28 -10.92
C GLU D 154 -29.14 15.55 -11.12
N LEU D 155 -29.36 16.30 -10.04
CA LEU D 155 -30.16 17.51 -10.08
C LEU D 155 -29.24 18.73 -10.08
N SER D 156 -29.54 19.70 -10.94
CA SER D 156 -28.82 20.96 -10.97
C SER D 156 -29.80 22.11 -11.16
N TRP D 157 -29.40 23.28 -10.69
CA TRP D 157 -30.13 24.53 -10.88
C TRP D 157 -29.40 25.40 -11.89
N TRP D 158 -30.15 25.98 -12.82
CA TRP D 158 -29.60 26.88 -13.83
C TRP D 158 -30.33 28.22 -13.77
N VAL D 159 -29.57 29.30 -13.71
CA VAL D 159 -30.13 30.66 -13.65
C VAL D 159 -29.40 31.51 -14.67
N ASN D 160 -30.16 32.13 -15.58
CA ASN D 160 -29.65 33.08 -16.57
C ASN D 160 -28.36 32.59 -17.21
N GLY D 161 -28.40 31.34 -17.71
CA GLY D 161 -27.31 30.82 -18.50
C GLY D 161 -26.14 30.23 -17.75
N LYS D 162 -26.32 29.85 -16.49
CA LYS D 162 -25.22 29.23 -15.75
C LYS D 162 -25.77 28.30 -14.69
N GLU D 163 -25.11 27.16 -14.49
CA GLU D 163 -25.41 26.30 -13.35
C GLU D 163 -24.93 26.98 -12.08
N VAL D 164 -25.83 27.17 -11.12
CA VAL D 164 -25.52 27.91 -9.91
C VAL D 164 -25.41 26.96 -8.72
N HIS D 165 -24.65 27.40 -7.71
CA HIS D 165 -24.47 26.63 -6.49
C HIS D 165 -24.77 27.48 -5.26
N SER D 166 -24.52 28.79 -5.34
CA SER D 166 -24.86 29.67 -4.24
C SER D 166 -26.37 29.67 -4.01
N GLY D 167 -26.78 29.66 -2.74
CA GLY D 167 -28.18 29.64 -2.38
C GLY D 167 -28.90 28.33 -2.65
N VAL D 168 -28.17 27.27 -2.98
CA VAL D 168 -28.76 25.99 -3.36
C VAL D 168 -28.47 24.97 -2.27
N CYS D 169 -29.47 24.14 -1.97
N CYS D 169 -29.45 24.12 -1.99
CA CYS D 169 -29.28 22.94 -1.15
CA CYS D 169 -29.15 22.93 -1.22
C CYS D 169 -30.15 21.82 -1.69
C CYS D 169 -30.11 21.82 -1.63
N THR D 170 -29.53 20.67 -1.95
CA THR D 170 -30.25 19.50 -2.43
C THR D 170 -30.10 18.41 -1.38
N ASP D 171 -31.18 17.66 -1.14
CA ASP D 171 -31.13 16.56 -0.20
C ASP D 171 -29.93 15.67 -0.52
N PRO D 172 -29.18 15.22 0.50
CA PRO D 172 -27.99 14.39 0.22
C PRO D 172 -28.31 13.01 -0.28
N GLN D 173 -29.50 12.49 0.01
CA GLN D 173 -29.92 11.18 -0.46
C GLN D 173 -31.42 11.22 -0.71
N PRO D 174 -31.90 10.47 -1.69
CA PRO D 174 -33.35 10.44 -1.95
C PRO D 174 -34.08 9.72 -0.83
N LEU D 175 -35.40 9.88 -0.83
CA LEU D 175 -36.26 9.14 0.07
C LEU D 175 -37.12 8.17 -0.72
N LYS D 176 -37.44 7.03 -0.11
CA LYS D 176 -38.33 6.06 -0.72
C LYS D 176 -39.77 6.53 -0.55
N GLU D 177 -40.52 6.57 -1.66
CA GLU D 177 -41.93 6.93 -1.58
C GLU D 177 -42.71 5.91 -0.76
N GLN D 178 -42.27 4.65 -0.74
CA GLN D 178 -42.92 3.59 0.02
C GLN D 178 -41.83 2.76 0.68
N PRO D 179 -41.38 3.17 1.88
CA PRO D 179 -40.20 2.52 2.48
C PRO D 179 -40.39 1.04 2.78
N ALA D 180 -41.62 0.60 3.04
CA ALA D 180 -41.88 -0.81 3.34
C ALA D 180 -41.65 -1.71 2.14
N LEU D 181 -41.54 -1.15 0.94
CA LEU D 181 -41.31 -1.92 -0.27
C LEU D 181 -39.82 -1.97 -0.62
N ASN D 182 -39.46 -2.93 -1.47
CA ASN D 182 -38.09 -3.09 -1.94
C ASN D 182 -37.85 -2.39 -3.27
N ASP D 183 -38.81 -2.46 -4.19
CA ASP D 183 -38.71 -1.77 -5.49
C ASP D 183 -39.34 -0.38 -5.45
N SER D 184 -39.35 0.26 -4.28
CA SER D 184 -40.00 1.56 -4.13
C SER D 184 -39.36 2.60 -5.05
N ARG D 185 -40.18 3.51 -5.56
CA ARG D 185 -39.66 4.65 -6.29
C ARG D 185 -39.19 5.73 -5.31
N TYR D 186 -38.43 6.69 -5.83
CA TYR D 186 -37.71 7.65 -5.00
C TYR D 186 -38.16 9.08 -5.29
N CYS D 187 -37.93 9.94 -4.30
CA CYS D 187 -38.16 11.37 -4.41
C CYS D 187 -36.89 12.13 -4.05
N LEU D 188 -36.78 13.34 -4.57
CA LEU D 188 -35.67 14.21 -4.24
C LEU D 188 -36.16 15.65 -4.26
N SER D 189 -35.79 16.44 -3.25
CA SER D 189 -36.16 17.83 -3.17
C SER D 189 -34.91 18.70 -3.20
N SER D 190 -35.05 19.90 -3.75
CA SER D 190 -33.96 20.86 -3.79
C SER D 190 -34.56 22.25 -3.66
N ARG D 191 -33.78 23.17 -3.12
CA ARG D 191 -34.21 24.55 -2.94
C ARG D 191 -33.18 25.48 -3.56
N LEU D 192 -33.68 26.57 -4.12
CA LEU D 192 -32.85 27.69 -4.57
C LEU D 192 -33.44 28.95 -3.97
N ARG D 193 -32.65 29.67 -3.17
CA ARG D 193 -33.10 30.88 -2.51
C ARG D 193 -32.37 32.08 -3.10
N VAL D 194 -33.13 33.09 -3.51
CA VAL D 194 -32.61 34.31 -4.09
C VAL D 194 -33.22 35.48 -3.33
N SER D 195 -32.74 36.68 -3.63
CA SER D 195 -33.35 37.87 -3.05
C SER D 195 -34.73 38.10 -3.66
N ALA D 196 -35.58 38.80 -2.91
CA ALA D 196 -36.89 39.15 -3.42
C ALA D 196 -36.78 39.94 -4.73
N THR D 197 -35.86 40.90 -4.79
CA THR D 197 -35.74 41.74 -5.98
C THR D 197 -35.35 40.91 -7.20
N PHE D 198 -34.47 39.92 -7.02
CA PHE D 198 -34.09 39.07 -8.13
C PHE D 198 -35.28 38.23 -8.61
N TRP D 199 -36.02 37.65 -7.67
CA TRP D 199 -37.20 36.88 -8.05
C TRP D 199 -38.26 37.75 -8.70
N GLN D 200 -38.35 39.01 -8.29
CA GLN D 200 -39.44 39.87 -8.78
C GLN D 200 -39.22 40.39 -10.19
N ASN D 201 -38.10 40.08 -10.82
CA ASN D 201 -37.82 40.56 -12.17
C ASN D 201 -38.22 39.49 -13.17
N PRO D 202 -39.18 39.74 -14.06
CA PRO D 202 -39.60 38.69 -15.01
C PRO D 202 -38.56 38.34 -16.07
N ARG D 203 -37.46 39.08 -16.17
CA ARG D 203 -36.39 38.70 -17.10
C ARG D 203 -35.55 37.53 -16.58
N ASN D 204 -35.62 37.24 -15.28
CA ASN D 204 -34.79 36.20 -14.70
C ASN D 204 -35.43 34.83 -14.92
N HIS D 205 -34.59 33.87 -15.30
CA HIS D 205 -35.00 32.56 -15.78
C HIS D 205 -34.36 31.50 -14.90
N PHE D 206 -35.19 30.71 -14.21
CA PHE D 206 -34.74 29.66 -13.32
C PHE D 206 -35.11 28.31 -13.92
N ARG D 207 -34.21 27.34 -13.79
CA ARG D 207 -34.44 26.01 -14.35
C ARG D 207 -33.90 24.96 -13.40
N CYS D 208 -34.76 24.01 -13.02
CA CYS D 208 -34.34 22.82 -12.31
C CYS D 208 -34.22 21.69 -13.31
N GLN D 209 -33.06 21.05 -13.36
CA GLN D 209 -32.72 20.10 -14.41
C GLN D 209 -32.26 18.81 -13.75
N VAL D 210 -32.89 17.70 -14.11
CA VAL D 210 -32.63 16.40 -13.48
C VAL D 210 -32.22 15.42 -14.57
N GLN D 211 -30.94 15.08 -14.61
CA GLN D 211 -30.47 14.01 -15.46
C GLN D 211 -30.86 12.68 -14.81
N PHE D 212 -31.61 11.87 -15.54
CA PHE D 212 -32.01 10.54 -15.08
C PHE D 212 -31.32 9.49 -15.93
N TYR D 213 -30.92 8.40 -15.29
CA TYR D 213 -30.26 7.29 -15.98
C TYR D 213 -31.17 6.07 -15.93
N GLY D 214 -31.53 5.55 -17.11
CA GLY D 214 -32.40 4.40 -17.19
C GLY D 214 -32.03 3.50 -18.35
N LEU D 215 -33.00 3.14 -19.18
CA LEU D 215 -32.73 2.21 -20.27
C LEU D 215 -32.02 2.92 -21.43
N SER D 216 -31.44 2.12 -22.32
CA SER D 216 -30.85 2.62 -23.54
C SER D 216 -31.71 2.22 -24.73
N GLU D 217 -31.20 2.48 -25.94
CA GLU D 217 -31.92 2.05 -27.14
C GLU D 217 -31.79 0.56 -27.38
N ASN D 218 -30.85 -0.11 -26.70
CA ASN D 218 -30.65 -1.55 -26.88
C ASN D 218 -31.63 -2.39 -26.06
N ASP D 219 -32.27 -1.80 -25.05
CA ASP D 219 -33.22 -2.55 -24.24
C ASP D 219 -34.55 -2.71 -24.95
N GLU D 220 -35.22 -3.83 -24.69
CA GLU D 220 -36.53 -4.09 -25.23
C GLU D 220 -37.60 -3.53 -24.29
N TRP D 221 -38.71 -3.05 -24.88
CA TRP D 221 -39.78 -2.44 -24.11
C TRP D 221 -41.12 -2.83 -24.72
N THR D 222 -41.95 -3.50 -23.94
CA THR D 222 -43.27 -3.93 -24.40
C THR D 222 -44.41 -3.25 -23.68
N GLN D 223 -44.13 -2.43 -22.67
CA GLN D 223 -45.18 -1.71 -21.97
C GLN D 223 -45.75 -0.58 -22.82
N ASP D 224 -46.95 -0.14 -22.45
CA ASP D 224 -47.64 0.89 -23.24
C ASP D 224 -47.10 2.29 -22.97
N ARG D 225 -46.60 2.55 -21.76
CA ARG D 225 -46.03 3.85 -21.47
C ARG D 225 -44.71 4.04 -22.20
N ALA D 226 -44.27 5.29 -22.27
CA ALA D 226 -43.01 5.61 -22.94
C ALA D 226 -41.85 4.84 -22.31
N LYS D 227 -40.92 4.41 -23.15
CA LYS D 227 -39.74 3.70 -22.68
C LYS D 227 -38.95 4.61 -21.74
N PRO D 228 -38.71 4.21 -20.49
CA PRO D 228 -38.01 5.06 -19.49
C PRO D 228 -36.51 5.08 -19.73
N VAL D 229 -36.11 5.76 -20.79
CA VAL D 229 -34.71 5.82 -21.19
C VAL D 229 -33.98 6.88 -20.37
N THR D 230 -32.66 6.83 -20.41
CA THR D 230 -31.84 7.92 -19.89
C THR D 230 -32.26 9.23 -20.56
N GLN D 231 -32.49 10.25 -19.74
CA GLN D 231 -33.06 11.49 -20.27
C GLN D 231 -32.96 12.57 -19.21
N ILE D 232 -33.05 13.81 -19.67
CA ILE D 232 -33.16 14.96 -18.79
C ILE D 232 -34.62 15.33 -18.66
N VAL D 233 -35.08 15.51 -17.43
CA VAL D 233 -36.42 16.02 -17.15
C VAL D 233 -36.24 17.33 -16.40
N SER D 234 -36.91 18.38 -16.88
CA SER D 234 -36.68 19.73 -16.40
C SER D 234 -38.00 20.42 -16.08
N ALA D 235 -37.92 21.42 -15.21
CA ALA D 235 -39.02 22.35 -14.99
C ALA D 235 -38.41 23.73 -14.77
N GLU D 236 -39.14 24.76 -15.18
CA GLU D 236 -38.60 26.11 -15.22
C GLU D 236 -39.56 27.07 -14.52
N ALA D 237 -39.01 28.23 -14.18
CA ALA D 237 -39.81 29.34 -13.68
C ALA D 237 -39.16 30.63 -14.13
N TRP D 238 -39.97 31.65 -14.32
CA TRP D 238 -39.50 33.00 -14.59
C TRP D 238 -39.98 33.91 -13.46
N GLY D 239 -39.21 34.94 -13.18
CA GLY D 239 -39.58 35.88 -12.14
C GLY D 239 -40.89 36.58 -12.43
N ARG D 240 -41.46 37.17 -11.38
CA ARG D 240 -42.68 37.96 -11.53
C ARG D 240 -42.78 38.93 -10.37
N ALA D 241 -43.40 40.08 -10.64
CA ALA D 241 -43.51 41.15 -9.63
C ALA D 241 -44.40 40.75 -8.47
N ILE E 1 12.38 -9.57 9.32
CA ILE E 1 11.39 -9.33 8.26
C ILE E 1 11.94 -8.30 7.30
N PRO E 2 11.62 -8.43 6.02
CA PRO E 2 12.09 -7.48 5.02
C PRO E 2 11.19 -6.25 4.99
N LEU E 3 11.69 -5.22 4.28
CA LEU E 3 10.88 -4.06 3.96
C LEU E 3 9.58 -4.51 3.30
N THR E 4 8.45 -4.01 3.82
CA THR E 4 7.16 -4.58 3.45
C THR E 4 6.82 -4.35 1.98
N GLU E 5 7.33 -3.28 1.38
CA GLU E 5 6.95 -2.93 0.03
C GLU E 5 8.07 -2.14 -0.65
N GLU E 6 8.28 -2.42 -1.93
CA GLU E 6 9.40 -1.87 -2.70
C GLU E 6 8.93 -0.82 -3.69
N ALA E 7 9.69 0.27 -3.79
CA ALA E 7 9.51 1.26 -4.82
C ALA E 7 10.30 0.89 -6.07
N GLU E 8 9.77 1.26 -7.23
CA GLU E 8 10.52 1.13 -8.47
C GLU E 8 11.71 2.09 -8.45
N LEU E 9 12.84 1.63 -8.98
CA LEU E 9 13.97 2.51 -9.18
C LEU E 9 13.66 3.47 -10.33
C1 EDO F . 13.68 1.15 -1.17
O1 EDO F . 13.40 0.04 -2.02
C2 EDO F . 14.89 1.93 -1.67
O2 EDO F . 16.08 1.12 -1.65
S SO4 G . -3.17 -11.86 5.15
O1 SO4 G . -3.20 -10.45 4.79
O2 SO4 G . -3.60 -12.67 4.01
O3 SO4 G . -1.80 -12.23 5.51
O4 SO4 G . -4.04 -12.10 6.29
S SO4 H . -25.82 6.72 5.11
O1 SO4 H . -24.97 7.59 4.30
O2 SO4 H . -27.02 7.45 5.51
O3 SO4 H . -26.21 5.56 4.32
O4 SO4 H . -25.10 6.29 6.30
C1 EDO I . 4.62 0.49 7.07
O1 EDO I . 5.23 -0.50 7.92
C2 EDO I . 3.72 1.39 7.91
O2 EDO I . 4.54 2.29 8.67
S SO4 J . -22.62 30.39 -8.18
O1 SO4 J . -22.74 31.09 -9.46
O2 SO4 J . -23.96 30.22 -7.62
O3 SO4 J . -22.00 29.08 -8.37
O4 SO4 J . -21.81 31.17 -7.26
S SO4 K . -36.74 44.03 -16.99
O1 SO4 K . -37.24 45.17 -17.77
O2 SO4 K . -35.97 43.14 -17.87
O3 SO4 K . -37.87 43.28 -16.43
O4 SO4 K . -35.89 44.53 -15.92
S SO4 L . 5.82 0.85 -19.19
O1 SO4 L . 5.28 0.68 -20.55
O2 SO4 L . 5.51 2.20 -18.73
O3 SO4 L . 7.25 0.64 -19.20
O4 SO4 L . 5.19 -0.12 -18.30
C1 EDO M . -22.24 -7.74 -21.77
O1 EDO M . -22.17 -6.33 -21.96
C2 EDO M . -20.86 -8.26 -21.37
O2 EDO M . -20.56 -7.84 -20.03
#